data_3IJX
#
_entry.id   3IJX
#
_cell.length_a   47.404
_cell.length_b   114.350
_cell.length_c   162.868
_cell.angle_alpha   90.00
_cell.angle_beta   90.00
_cell.angle_gamma   90.00
#
_symmetry.space_group_name_H-M   'P 2 21 21'
#
loop_
_entity.id
_entity.type
_entity.pdbx_description
1 polymer 'Glutamate receptor 2'
2 non-polymer 'GLUTAMIC ACID'
3 non-polymer '6-chloro-3,4-dihydro-2H-1,2,4-benzothiadiazine-7-sulfonamide 1,1-dioxide'
4 non-polymer 'ZINC ION'
5 water water
#
_entity_poly.entity_id   1
_entity_poly.type   'polypeptide(L)'
_entity_poly.pdbx_seq_one_letter_code
;KTVVVTTILESPYVMMKKNHEMLEGNERYEGYCVDLAAEIAKHCGFKYKLTIVGDGKYGARDADTKIWNGMVGELVYGKA
DIAIAPLTITLVREEVIDFSKPFMSLGISIMIKKGTPIESAEDLSKQTEIAYGTLDSGSTKEFFRRSKIAVFDKMWTYMR
SAEPSVFVRTTAEGVARVRKSKGKYAYLLESTMNEYIEQRKPCDTMKVGGNLDSKGYGIATPKGSSLGNAVNLAVLKLSE
QGLLDKLKNKWWYDKGEC
;
_entity_poly.pdbx_strand_id   B,D,H
#
loop_
_chem_comp.id
_chem_comp.type
_chem_comp.name
_chem_comp.formula
HCZ non-polymer '6-chloro-3,4-dihydro-2H-1,2,4-benzothiadiazine-7-sulfonamide 1,1-dioxide' 'C7 H8 Cl N3 O4 S2'
ZN non-polymer 'ZINC ION' 'Zn 2'
#
# COMPACT_ATOMS: atom_id res chain seq x y z
N LYS A 1 -10.86 -19.88 4.48
CA LYS A 1 -9.73 -20.59 3.91
C LYS A 1 -8.52 -19.68 3.75
N THR A 2 -7.34 -20.20 4.10
CA THR A 2 -6.13 -19.41 3.94
C THR A 2 -5.81 -19.28 2.45
N VAL A 3 -5.63 -18.05 2.00
CA VAL A 3 -5.26 -17.77 0.62
C VAL A 3 -3.80 -18.14 0.41
N VAL A 4 -3.51 -18.90 -0.64
CA VAL A 4 -2.11 -19.17 -0.96
C VAL A 4 -1.53 -18.11 -1.89
N VAL A 5 -0.43 -17.51 -1.46
CA VAL A 5 0.16 -16.39 -2.19
C VAL A 5 1.46 -16.78 -2.84
N THR A 6 1.51 -16.71 -4.16
CA THR A 6 2.76 -16.98 -4.84
C THR A 6 3.51 -15.68 -5.11
N THR A 7 4.82 -15.81 -5.18
CA THR A 7 5.68 -14.67 -5.29
C THR A 7 7.05 -15.26 -5.48
N ILE A 8 8.01 -14.41 -5.84
CA ILE A 8 9.32 -14.84 -6.26
C ILE A 8 10.33 -14.10 -5.40
N LEU A 9 11.55 -14.63 -5.30
CA LEU A 9 12.58 -13.97 -4.51
C LEU A 9 13.36 -12.93 -5.33
N GLU A 10 13.09 -11.66 -5.07
CA GLU A 10 13.71 -10.60 -5.83
C GLU A 10 13.82 -9.40 -4.90
N SER A 11 15.05 -9.02 -4.57
CA SER A 11 15.28 -7.85 -3.72
C SER A 11 14.93 -6.58 -4.48
N PRO A 12 14.25 -5.64 -3.81
CA PRO A 12 13.85 -5.73 -2.41
C PRO A 12 12.36 -6.04 -2.20
N TYR A 13 11.70 -6.65 -3.17
CA TYR A 13 10.30 -7.03 -3.03
C TYR A 13 10.08 -8.11 -1.97
N VAL A 14 10.81 -9.19 -2.10
CA VAL A 14 10.74 -10.28 -1.14
C VAL A 14 12.16 -10.80 -0.93
N MET A 15 12.54 -10.97 0.33
CA MET A 15 13.92 -11.35 0.67
C MET A 15 13.96 -12.19 1.92
N MET A 16 14.83 -13.20 1.93
CA MET A 16 14.96 -14.00 3.13
C MET A 16 15.41 -13.08 4.24
N LYS A 17 14.74 -13.18 5.39
CA LYS A 17 15.11 -12.41 6.57
C LYS A 17 16.34 -13.07 7.19
N LYS A 18 17.30 -12.23 7.60
CA LYS A 18 18.59 -12.70 8.12
C LYS A 18 18.53 -14.05 8.84
N ASN A 19 17.56 -14.24 9.73
CA ASN A 19 17.49 -15.47 10.51
C ASN A 19 16.15 -16.13 10.24
N HIS A 20 16.16 -17.33 9.69
CA HIS A 20 14.94 -17.86 9.11
C HIS A 20 14.91 -19.31 9.46
N GLU A 21 15.91 -20.04 8.98
CA GLU A 21 16.18 -21.29 9.59
C GLU A 21 15.54 -21.06 10.98
N MET A 22 15.02 -19.84 11.26
CA MET A 22 14.37 -19.59 12.57
C MET A 22 12.80 -19.59 12.71
N LEU A 23 12.22 -18.40 12.57
CA LEU A 23 10.92 -17.89 12.96
C LEU A 23 9.81 -18.80 12.47
N GLU A 24 9.62 -18.82 11.17
CA GLU A 24 8.55 -19.65 10.56
C GLU A 24 7.36 -18.87 9.91
N GLY A 25 6.49 -19.57 9.17
CA GLY A 25 5.31 -19.02 8.52
C GLY A 25 5.67 -17.92 7.55
N ASN A 26 4.93 -16.83 7.60
CA ASN A 26 5.23 -15.69 6.77
C ASN A 26 6.40 -14.87 7.33
N GLU A 27 6.68 -15.06 8.61
CA GLU A 27 7.74 -14.30 9.26
C GLU A 27 9.10 -14.47 8.59
N ARG A 28 9.24 -15.52 7.79
CA ARG A 28 10.53 -15.84 7.21
C ARG A 28 10.98 -14.74 6.27
N TYR A 29 10.02 -13.94 5.83
CA TYR A 29 10.22 -13.03 4.73
C TYR A 29 10.17 -11.58 5.11
N GLU A 30 10.70 -10.76 4.21
CA GLU A 30 10.61 -9.33 4.36
C GLU A 30 10.71 -8.70 2.98
N GLY A 31 10.30 -7.44 2.87
CA GLY A 31 10.46 -6.71 1.64
C GLY A 31 9.20 -5.98 1.27
N TYR A 32 9.33 -5.06 0.32
CA TYR A 32 8.21 -4.29 -0.24
C TYR A 32 6.92 -5.09 -0.45
N CYS A 33 6.99 -6.17 -1.22
CA CYS A 33 5.81 -6.98 -1.49
C CYS A 33 5.33 -7.75 -0.26
N VAL A 34 6.23 -8.07 0.66
CA VAL A 34 5.78 -8.74 1.86
C VAL A 34 4.93 -7.79 2.67
N ASP A 35 5.40 -6.55 2.77
CA ASP A 35 4.65 -5.48 3.42
C ASP A 35 3.34 -5.18 2.74
N LEU A 36 3.31 -5.35 1.43
CA LEU A 36 2.12 -5.04 0.65
C LEU A 36 1.08 -6.15 0.80
N ALA A 37 1.56 -7.38 0.94
CA ALA A 37 0.67 -8.53 1.11
C ALA A 37 -0.04 -8.44 2.46
N ALA A 38 0.63 -7.82 3.42
CA ALA A 38 0.09 -7.64 4.75
C ALA A 38 -1.10 -6.68 4.76
N GLU A 39 -0.93 -5.49 4.20
CA GLU A 39 -2.03 -4.53 4.20
C GLU A 39 -3.09 -4.95 3.20
N ILE A 40 -2.69 -5.48 2.05
CA ILE A 40 -3.69 -6.01 1.13
C ILE A 40 -4.60 -6.91 1.91
N ALA A 41 -4.00 -7.89 2.58
CA ALA A 41 -4.74 -8.91 3.29
C ALA A 41 -5.68 -8.32 4.34
N LYS A 42 -5.21 -7.33 5.09
CA LYS A 42 -5.99 -6.75 6.17
C LYS A 42 -7.23 -6.08 5.62
N HIS A 43 -7.06 -5.32 4.54
CA HIS A 43 -8.17 -4.60 3.93
C HIS A 43 -9.16 -5.50 3.21
N CYS A 44 -8.69 -6.63 2.71
CA CYS A 44 -9.59 -7.57 2.08
C CYS A 44 -10.08 -8.54 3.14
N GLY A 45 -9.42 -8.53 4.29
CA GLY A 45 -9.84 -9.35 5.41
C GLY A 45 -9.66 -10.84 5.20
N PHE A 46 -8.44 -11.27 4.88
CA PHE A 46 -8.18 -12.70 4.78
C PHE A 46 -6.86 -13.12 5.41
N LYS A 47 -6.76 -14.40 5.74
CA LYS A 47 -5.51 -14.99 6.19
C LYS A 47 -4.82 -15.53 4.95
N TYR A 48 -3.50 -15.53 4.95
CA TYR A 48 -2.74 -15.96 3.79
C TYR A 48 -1.46 -16.68 4.17
N LYS A 49 -0.90 -17.38 3.20
CA LYS A 49 0.38 -18.02 3.40
C LYS A 49 1.26 -17.65 2.22
N LEU A 50 2.36 -16.98 2.50
CA LEU A 50 3.35 -16.70 1.46
C LEU A 50 4.02 -18.00 1.05
N THR A 51 4.12 -18.23 -0.25
CA THR A 51 4.97 -19.31 -0.75
C THR A 51 5.80 -18.83 -1.92
N ILE A 52 7.09 -19.13 -1.90
CA ILE A 52 7.97 -18.80 -3.03
C ILE A 52 7.79 -19.77 -4.20
N VAL A 53 7.81 -19.23 -5.41
CA VAL A 53 7.52 -19.99 -6.62
C VAL A 53 8.63 -20.99 -6.96
N GLY A 54 8.25 -22.17 -7.41
CA GLY A 54 9.20 -23.26 -7.59
C GLY A 54 10.39 -23.02 -8.51
N ASP A 55 10.13 -22.95 -9.81
CA ASP A 55 11.19 -22.83 -10.81
C ASP A 55 11.85 -21.46 -10.76
N GLY A 56 11.34 -20.59 -9.89
CA GLY A 56 11.88 -19.26 -9.69
C GLY A 56 11.82 -18.33 -10.89
N LYS A 57 10.91 -18.58 -11.82
CA LYS A 57 10.71 -17.67 -12.96
C LYS A 57 9.44 -16.83 -12.78
N TYR A 58 9.24 -15.85 -13.63
CA TYR A 58 8.04 -15.03 -13.53
C TYR A 58 6.90 -15.64 -14.32
N GLY A 59 7.21 -16.11 -15.52
CA GLY A 59 6.23 -16.83 -16.28
C GLY A 59 6.11 -16.50 -17.74
N ALA A 60 6.55 -17.43 -18.56
CA ALA A 60 6.28 -17.39 -19.98
C ALA A 60 5.51 -18.66 -20.37
N ARG A 61 4.82 -18.57 -21.50
CA ARG A 61 4.27 -19.77 -22.12
C ARG A 61 5.38 -20.36 -22.98
N ASP A 62 5.73 -21.62 -22.71
CA ASP A 62 6.74 -22.33 -23.50
C ASP A 62 6.19 -22.67 -24.88
N ALA A 63 6.73 -22.04 -25.91
CA ALA A 63 6.27 -22.27 -27.29
C ALA A 63 6.03 -23.76 -27.59
N ASP A 64 7.03 -24.58 -27.31
CA ASP A 64 6.96 -26.03 -27.56
C ASP A 64 5.64 -26.61 -27.10
N THR A 65 5.56 -26.82 -25.78
CA THR A 65 4.50 -27.56 -25.14
C THR A 65 3.25 -26.71 -24.89
N LYS A 66 3.44 -25.40 -24.84
CA LYS A 66 2.35 -24.46 -24.57
C LYS A 66 1.99 -24.46 -23.09
N ILE A 67 2.94 -24.81 -22.24
CA ILE A 67 2.73 -24.80 -20.80
C ILE A 67 3.25 -23.51 -20.15
N TRP A 68 2.52 -23.00 -19.17
CA TRP A 68 2.90 -21.78 -18.46
C TRP A 68 3.84 -22.09 -17.30
N ASN A 69 5.04 -21.51 -17.32
CA ASN A 69 5.92 -21.68 -16.18
C ASN A 69 5.74 -20.52 -15.21
N GLY A 70 6.52 -20.54 -14.13
CA GLY A 70 6.59 -19.41 -13.21
C GLY A 70 5.32 -19.06 -12.46
N MET A 71 5.33 -17.91 -11.82
CA MET A 71 4.18 -17.46 -11.07
C MET A 71 2.88 -17.45 -11.88
N VAL A 72 2.93 -16.97 -13.12
CA VAL A 72 1.75 -17.01 -13.97
C VAL A 72 1.15 -18.40 -14.04
N GLY A 73 2.02 -19.38 -14.20
CA GLY A 73 1.65 -20.78 -14.25
C GLY A 73 1.02 -21.21 -12.94
N GLU A 74 1.68 -20.94 -11.82
CA GLU A 74 1.11 -21.30 -10.52
C GLU A 74 -0.35 -20.88 -10.39
N LEU A 75 -0.67 -19.72 -10.96
CA LEU A 75 -2.07 -19.26 -11.02
C LEU A 75 -2.93 -20.05 -12.01
N VAL A 76 -2.41 -20.20 -13.23
CA VAL A 76 -3.15 -20.79 -14.34
C VAL A 76 -3.57 -22.26 -14.10
N TYR A 77 -2.73 -23.02 -13.38
CA TYR A 77 -3.00 -24.43 -13.12
C TYR A 77 -3.49 -24.69 -11.69
N GLY A 78 -3.84 -23.63 -10.97
CA GLY A 78 -4.54 -23.77 -9.70
C GLY A 78 -3.69 -24.07 -8.48
N LYS A 79 -2.38 -23.87 -8.60
CA LYS A 79 -1.48 -24.10 -7.48
C LYS A 79 -1.43 -22.89 -6.53
N ALA A 80 -2.09 -21.80 -6.90
CA ALA A 80 -2.15 -20.61 -6.03
C ALA A 80 -3.33 -19.68 -6.30
N ASP A 81 -3.61 -18.82 -5.33
CA ASP A 81 -4.83 -18.03 -5.32
C ASP A 81 -4.54 -16.62 -5.77
N ILE A 82 -3.28 -16.24 -5.69
CA ILE A 82 -2.90 -14.86 -5.95
C ILE A 82 -1.39 -14.68 -5.99
N ALA A 83 -0.97 -13.79 -6.85
CA ALA A 83 0.44 -13.46 -6.98
C ALA A 83 0.63 -12.02 -6.56
N ILE A 84 1.44 -11.82 -5.53
CA ILE A 84 1.86 -10.48 -5.12
C ILE A 84 3.36 -10.36 -5.32
N ALA A 85 3.75 -9.71 -6.41
CA ALA A 85 5.13 -9.76 -6.87
C ALA A 85 5.43 -8.74 -7.95
N PRO A 86 6.72 -8.53 -8.26
CA PRO A 86 7.10 -7.65 -9.37
C PRO A 86 6.62 -8.19 -10.71
N LEU A 87 5.32 -8.32 -10.87
CA LEU A 87 4.75 -9.01 -12.03
C LEU A 87 4.18 -8.03 -13.02
N THR A 88 4.79 -7.94 -14.19
CA THR A 88 4.37 -6.95 -15.15
C THR A 88 3.04 -7.30 -15.83
N ILE A 89 2.16 -6.32 -15.94
CA ILE A 89 0.92 -6.44 -16.68
C ILE A 89 1.25 -6.42 -18.17
N THR A 90 0.85 -7.46 -18.89
CA THR A 90 1.07 -7.54 -20.33
C THR A 90 -0.09 -8.27 -21.01
N LEU A 91 -0.29 -7.98 -22.30
CA LEU A 91 -1.43 -8.46 -23.05
C LEU A 91 -1.57 -9.98 -23.00
N VAL A 92 -0.49 -10.70 -23.26
CA VAL A 92 -0.49 -12.16 -23.21
C VAL A 92 -0.88 -12.72 -21.83
N ARG A 93 -0.33 -12.16 -20.77
CA ARG A 93 -0.73 -12.57 -19.43
C ARG A 93 -2.18 -12.18 -19.09
N GLU A 94 -2.62 -11.00 -19.47
CA GLU A 94 -4.00 -10.59 -19.16
C GLU A 94 -5.02 -11.48 -19.87
N GLU A 95 -4.56 -12.29 -20.82
CA GLU A 95 -5.44 -13.21 -21.53
C GLU A 95 -5.76 -14.50 -20.75
N VAL A 96 -4.87 -14.89 -19.83
CA VAL A 96 -5.06 -16.11 -19.06
C VAL A 96 -5.28 -15.84 -17.59
N ILE A 97 -4.86 -14.68 -17.11
CA ILE A 97 -5.14 -14.30 -15.73
C ILE A 97 -5.66 -12.87 -15.64
N ASP A 98 -6.18 -12.51 -14.46
CA ASP A 98 -6.71 -11.17 -14.21
C ASP A 98 -5.70 -10.28 -13.47
N PHE A 99 -5.53 -9.03 -13.93
CA PHE A 99 -4.66 -8.11 -13.19
C PHE A 99 -5.41 -7.00 -12.44
N SER A 100 -4.98 -6.73 -11.21
CA SER A 100 -5.40 -5.54 -10.49
C SER A 100 -4.88 -4.31 -11.22
N LYS A 101 -5.34 -3.11 -10.87
CA LYS A 101 -4.66 -1.93 -11.42
C LYS A 101 -3.22 -1.96 -10.91
N PRO A 102 -2.31 -1.23 -11.58
CA PRO A 102 -0.89 -1.23 -11.18
C PRO A 102 -0.71 -0.67 -9.80
N PHE A 103 0.22 -1.22 -9.03
CA PHE A 103 0.52 -0.64 -7.74
C PHE A 103 1.84 0.09 -7.82
N MET A 104 2.60 -0.16 -8.87
CA MET A 104 3.89 0.49 -9.09
C MET A 104 4.18 0.69 -10.57
N SER A 105 4.75 1.83 -10.91
CA SER A 105 5.10 2.10 -12.29
C SER A 105 6.57 1.74 -12.56
N LEU A 106 6.91 1.49 -13.82
CA LEU A 106 8.27 1.12 -14.21
C LEU A 106 8.41 1.08 -15.72
N GLY A 107 9.65 0.95 -16.20
CA GLY A 107 9.89 0.82 -17.61
C GLY A 107 11.20 0.10 -17.87
N ILE A 108 11.39 -0.40 -19.08
CA ILE A 108 12.64 -1.06 -19.45
C ILE A 108 13.79 -0.06 -19.52
N SER A 109 14.81 -0.25 -18.69
CA SER A 109 15.93 0.68 -18.67
C SER A 109 17.24 -0.05 -18.90
N ILE A 110 18.32 0.72 -19.03
CA ILE A 110 19.63 0.12 -19.27
C ILE A 110 20.48 0.17 -18.02
N MET A 111 21.21 -0.91 -17.75
CA MET A 111 22.20 -0.86 -16.68
C MET A 111 23.58 -1.07 -17.28
N ILE A 112 24.52 -0.25 -16.82
CA ILE A 112 25.91 -0.37 -17.23
C ILE A 112 26.79 -0.16 -16.02
N LYS A 113 28.05 -0.60 -16.13
CA LYS A 113 29.05 -0.24 -15.15
C LYS A 113 29.35 1.25 -15.36
N LYS A 114 29.57 1.97 -14.27
CA LYS A 114 29.89 3.37 -14.37
C LYS A 114 31.14 3.53 -15.20
N GLY A 115 31.07 4.38 -16.21
CA GLY A 115 32.21 4.66 -17.06
C GLY A 115 32.08 3.96 -18.38
N THR A 116 30.91 3.40 -18.65
CA THR A 116 30.68 2.75 -19.91
C THR A 116 30.28 3.78 -20.95
N PRO A 117 30.82 3.64 -22.18
CA PRO A 117 30.62 4.57 -23.29
C PRO A 117 29.21 4.55 -23.90
N ILE A 118 28.20 4.34 -23.08
CA ILE A 118 26.85 4.18 -23.59
C ILE A 118 25.92 5.24 -23.02
N GLU A 119 25.02 5.76 -23.85
CA GLU A 119 24.11 6.79 -23.40
C GLU A 119 22.64 6.42 -23.62
N SER A 120 22.37 5.54 -24.57
CA SER A 120 20.99 5.21 -24.95
C SER A 120 20.86 3.81 -25.52
N ALA A 121 19.65 3.45 -25.93
CA ALA A 121 19.44 2.17 -26.60
C ALA A 121 19.93 2.26 -28.04
N GLU A 122 19.67 3.40 -28.68
CA GLU A 122 20.16 3.61 -30.04
C GLU A 122 21.65 3.34 -30.06
N ASP A 123 22.32 3.72 -28.96
CA ASP A 123 23.78 3.61 -28.81
C ASP A 123 24.26 2.14 -28.80
N LEU A 124 23.47 1.27 -28.20
CA LEU A 124 23.81 -0.13 -28.09
C LEU A 124 23.69 -0.80 -29.45
N SER A 125 22.64 -0.44 -30.17
CA SER A 125 22.38 -1.00 -31.49
C SER A 125 23.51 -0.74 -32.47
N LYS A 126 24.09 0.45 -32.38
CA LYS A 126 25.17 0.86 -33.26
C LYS A 126 26.53 0.32 -32.85
N GLN A 127 26.60 -0.86 -32.23
CA GLN A 127 27.92 -1.34 -31.81
C GLN A 127 27.99 -2.82 -31.46
N THR A 128 29.22 -3.30 -31.25
CA THR A 128 29.44 -4.72 -31.04
C THR A 128 30.41 -4.97 -29.87
N GLU A 129 31.24 -3.98 -29.57
CA GLU A 129 32.21 -4.13 -28.49
C GLU A 129 31.51 -4.46 -27.17
N ILE A 130 30.33 -3.86 -26.96
CA ILE A 130 29.58 -4.03 -25.72
C ILE A 130 28.36 -4.92 -25.89
N ALA A 131 28.39 -6.07 -25.22
CA ALA A 131 27.29 -7.02 -25.28
C ALA A 131 26.16 -6.59 -24.35
N TYR A 132 24.94 -6.93 -24.71
CA TYR A 132 23.81 -6.67 -23.84
C TYR A 132 22.74 -7.75 -23.97
N GLY A 133 22.17 -8.15 -22.84
CA GLY A 133 21.04 -9.06 -22.84
C GLY A 133 19.97 -8.74 -21.79
N THR A 134 19.02 -9.64 -21.62
CA THR A 134 17.93 -9.42 -20.67
C THR A 134 17.71 -10.68 -19.84
N LEU A 135 16.93 -10.59 -18.76
CA LEU A 135 16.57 -11.78 -18.00
C LEU A 135 15.81 -12.79 -18.88
N ASP A 136 15.89 -14.07 -18.56
CA ASP A 136 15.10 -15.06 -19.28
C ASP A 136 13.72 -15.29 -18.63
N SER A 137 12.69 -15.40 -19.47
CA SER A 137 11.31 -15.71 -19.03
C SER A 137 10.59 -14.53 -18.42
N GLY A 138 10.83 -13.33 -18.92
CA GLY A 138 10.15 -12.18 -18.38
C GLY A 138 9.53 -11.27 -19.42
N SER A 139 9.01 -10.13 -18.96
CA SER A 139 8.44 -9.13 -19.84
C SER A 139 9.46 -8.56 -20.80
N THR A 140 10.66 -8.30 -20.28
CA THR A 140 11.68 -7.60 -21.04
C THR A 140 12.13 -8.40 -22.26
N LYS A 141 12.34 -9.69 -22.07
CA LYS A 141 12.67 -10.54 -23.22
C LYS A 141 11.57 -10.49 -24.27
N GLU A 142 10.32 -10.75 -23.88
CA GLU A 142 9.21 -10.69 -24.83
C GLU A 142 9.10 -9.34 -25.52
N PHE A 143 9.32 -8.28 -24.76
CA PHE A 143 9.22 -6.93 -25.30
C PHE A 143 10.02 -6.77 -26.58
N PHE A 144 11.22 -7.34 -26.57
CA PHE A 144 12.10 -7.27 -27.72
C PHE A 144 11.69 -8.24 -28.82
N ARG A 145 11.44 -9.49 -28.43
CA ARG A 145 11.06 -10.52 -29.39
C ARG A 145 9.85 -10.13 -30.23
N ARG A 146 9.08 -9.17 -29.76
CA ARG A 146 7.78 -8.88 -30.35
C ARG A 146 7.65 -7.43 -30.83
N SER A 147 8.71 -6.65 -30.69
CA SER A 147 8.65 -5.23 -30.98
C SER A 147 8.74 -4.95 -32.47
N LYS A 148 8.12 -3.86 -32.91
CA LYS A 148 8.20 -3.45 -34.31
C LYS A 148 9.00 -2.16 -34.53
N ILE A 149 9.61 -1.64 -33.48
CA ILE A 149 10.38 -0.40 -33.60
C ILE A 149 11.78 -0.66 -34.16
N ALA A 150 12.25 0.29 -34.97
CA ALA A 150 13.57 0.19 -35.61
C ALA A 150 14.66 -0.30 -34.65
N VAL A 151 14.94 0.49 -33.62
CA VAL A 151 16.01 0.18 -32.69
C VAL A 151 15.79 -1.14 -31.94
N PHE A 152 14.54 -1.45 -31.60
CA PHE A 152 14.27 -2.59 -30.74
C PHE A 152 14.31 -3.91 -31.49
N ASP A 153 14.07 -3.86 -32.79
CA ASP A 153 14.12 -5.06 -33.61
C ASP A 153 15.58 -5.49 -33.81
N LYS A 154 16.44 -4.53 -34.13
CA LYS A 154 17.84 -4.79 -34.34
C LYS A 154 18.39 -5.35 -33.03
N MET A 155 18.15 -4.61 -31.96
CA MET A 155 18.64 -5.02 -30.65
C MET A 155 18.35 -6.48 -30.39
N TRP A 156 17.12 -6.88 -30.75
CA TRP A 156 16.65 -8.24 -30.54
C TRP A 156 17.44 -9.19 -31.42
N THR A 157 17.41 -8.90 -32.70
CA THR A 157 18.12 -9.68 -33.70
C THR A 157 19.51 -10.04 -33.21
N TYR A 158 20.19 -9.09 -32.57
CA TYR A 158 21.50 -9.35 -31.97
C TYR A 158 21.43 -10.35 -30.81
N MET A 159 20.58 -10.07 -29.81
CA MET A 159 20.48 -10.84 -28.58
C MET A 159 20.10 -12.31 -28.79
N ARG A 160 19.30 -12.58 -29.82
CA ARG A 160 18.78 -13.94 -30.03
C ARG A 160 19.81 -14.80 -30.77
N SER A 161 20.78 -14.14 -31.41
CA SER A 161 21.72 -14.83 -32.30
C SER A 161 23.17 -14.72 -31.79
N ALA A 162 23.33 -14.21 -30.58
CA ALA A 162 24.64 -13.99 -30.01
C ALA A 162 25.08 -15.22 -29.24
N GLU A 163 26.39 -15.39 -29.13
CA GLU A 163 26.97 -16.44 -28.31
C GLU A 163 28.25 -15.90 -27.70
N PRO A 164 28.49 -16.19 -26.41
CA PRO A 164 27.61 -16.96 -25.52
C PRO A 164 26.28 -16.24 -25.29
N SER A 165 25.30 -16.93 -24.73
CA SER A 165 23.98 -16.34 -24.45
C SER A 165 24.11 -15.05 -23.64
N VAL A 166 23.44 -13.99 -24.11
CA VAL A 166 23.45 -12.72 -23.39
C VAL A 166 22.36 -12.73 -22.32
N PHE A 167 21.59 -13.81 -22.29
CA PHE A 167 20.48 -13.94 -21.35
C PHE A 167 20.93 -14.55 -20.04
N VAL A 168 20.39 -14.03 -18.93
CA VAL A 168 20.70 -14.55 -17.61
C VAL A 168 19.46 -15.22 -16.99
N ARG A 169 19.66 -16.00 -15.94
CA ARG A 169 18.55 -16.73 -15.38
C ARG A 169 17.82 -15.92 -14.30
N THR A 170 18.56 -15.02 -13.65
CA THR A 170 18.00 -14.23 -12.54
C THR A 170 18.58 -12.84 -12.56
N THR A 171 17.87 -11.90 -11.94
CA THR A 171 18.33 -10.51 -11.89
C THR A 171 19.70 -10.41 -11.24
N ALA A 172 19.91 -11.13 -10.14
CA ALA A 172 21.21 -11.11 -9.48
C ALA A 172 22.29 -11.53 -10.47
N GLU A 173 22.03 -12.58 -11.23
CA GLU A 173 23.00 -13.11 -12.17
C GLU A 173 23.38 -12.05 -13.21
N GLY A 174 22.40 -11.30 -13.67
CA GLY A 174 22.64 -10.27 -14.66
C GLY A 174 23.37 -9.07 -14.10
N VAL A 175 23.17 -8.81 -12.82
CA VAL A 175 23.85 -7.70 -12.18
C VAL A 175 25.31 -8.05 -12.02
N ALA A 176 25.56 -9.25 -11.50
CA ALA A 176 26.93 -9.72 -11.26
C ALA A 176 27.72 -9.75 -12.56
N ARG A 177 27.06 -10.07 -13.66
CA ARG A 177 27.75 -10.06 -14.94
C ARG A 177 28.25 -8.66 -15.30
N VAL A 178 27.40 -7.65 -15.14
CA VAL A 178 27.81 -6.28 -15.41
C VAL A 178 29.11 -5.91 -14.70
N ARG A 179 29.08 -6.05 -13.38
CA ARG A 179 30.25 -5.79 -12.53
C ARG A 179 31.49 -6.58 -12.95
N LYS A 180 31.38 -7.91 -12.96
CA LYS A 180 32.48 -8.79 -13.34
C LYS A 180 32.99 -8.53 -14.76
N SER A 181 32.14 -7.98 -15.63
CA SER A 181 32.48 -7.86 -17.04
C SER A 181 33.21 -6.58 -17.45
N LYS A 182 33.62 -5.79 -16.47
CA LYS A 182 34.50 -4.67 -16.74
C LYS A 182 33.96 -3.74 -17.81
N GLY A 183 32.66 -3.51 -17.80
CA GLY A 183 32.06 -2.49 -18.65
C GLY A 183 31.87 -2.92 -20.09
N LYS A 184 31.78 -4.23 -20.30
CA LYS A 184 31.63 -4.77 -21.64
C LYS A 184 30.32 -5.54 -21.72
N TYR A 185 29.49 -5.39 -20.69
CA TYR A 185 28.17 -5.98 -20.68
C TYR A 185 27.14 -5.03 -20.08
N ALA A 186 26.15 -4.62 -20.88
CA ALA A 186 25.02 -3.87 -20.35
C ALA A 186 23.87 -4.83 -20.10
N TYR A 187 22.98 -4.48 -19.18
CA TYR A 187 21.85 -5.32 -18.82
C TYR A 187 20.52 -4.57 -19.00
N LEU A 188 19.62 -5.11 -19.83
CA LEU A 188 18.29 -4.52 -19.98
C LEU A 188 17.35 -5.13 -18.96
N LEU A 189 17.02 -4.36 -17.93
CA LEU A 189 16.12 -4.82 -16.90
C LEU A 189 15.17 -3.69 -16.63
N GLU A 190 14.12 -3.97 -15.87
CA GLU A 190 13.14 -2.94 -15.55
C GLU A 190 13.71 -1.85 -14.64
N SER A 191 13.11 -0.66 -14.69
CA SER A 191 13.62 0.53 -14.00
C SER A 191 13.73 0.43 -12.48
N THR A 192 12.67 -0.04 -11.84
CA THR A 192 12.65 -0.18 -10.39
C THR A 192 13.80 -1.03 -9.86
N MET A 193 14.12 -2.10 -10.56
CA MET A 193 15.24 -2.95 -10.13
C MET A 193 16.56 -2.24 -10.39
N ASN A 194 16.62 -1.46 -11.45
CA ASN A 194 17.81 -0.67 -11.72
C ASN A 194 18.07 0.31 -10.59
N GLU A 195 17.07 1.14 -10.32
CA GLU A 195 17.20 2.18 -9.31
C GLU A 195 17.58 1.58 -7.96
N TYR A 196 17.10 0.39 -7.67
CA TYR A 196 17.42 -0.21 -6.39
C TYR A 196 18.88 -0.60 -6.33
N ILE A 197 19.37 -1.24 -7.39
CA ILE A 197 20.77 -1.65 -7.41
C ILE A 197 21.70 -0.43 -7.34
N GLU A 198 21.39 0.58 -8.14
CA GLU A 198 22.14 1.84 -8.17
C GLU A 198 22.38 2.37 -6.76
N GLN A 199 21.59 1.93 -5.78
CA GLN A 199 21.68 2.45 -4.41
C GLN A 199 22.37 1.50 -3.43
N ARG A 200 22.98 0.44 -3.94
CA ARG A 200 23.60 -0.57 -3.10
C ARG A 200 25.10 -0.68 -3.37
N LYS A 201 25.87 -1.06 -2.36
CA LYS A 201 27.31 -1.29 -2.52
C LYS A 201 27.58 -2.40 -3.54
N PRO A 202 28.69 -2.31 -4.28
CA PRO A 202 29.78 -1.33 -4.15
C PRO A 202 29.55 -0.04 -4.90
N CYS A 203 28.35 0.19 -5.43
CA CYS A 203 28.02 1.46 -6.07
C CYS A 203 28.68 1.60 -7.44
N ASP A 204 28.99 0.48 -8.09
CA ASP A 204 29.67 0.54 -9.37
C ASP A 204 28.74 0.55 -10.58
N THR A 205 27.44 0.33 -10.35
CA THR A 205 26.47 0.39 -11.44
C THR A 205 25.74 1.72 -11.48
N MET A 206 25.11 2.00 -12.61
CA MET A 206 24.33 3.21 -12.76
C MET A 206 23.32 3.04 -13.88
N LYS A 207 22.18 3.72 -13.77
CA LYS A 207 21.15 3.63 -14.81
C LYS A 207 21.22 4.82 -15.75
N VAL A 208 21.41 4.56 -17.04
CA VAL A 208 21.51 5.64 -18.01
C VAL A 208 20.35 5.62 -18.99
N GLY A 209 19.96 6.81 -19.44
CA GLY A 209 18.92 6.96 -20.45
C GLY A 209 17.54 7.17 -19.89
N GLY A 210 16.57 7.29 -20.79
CA GLY A 210 15.18 7.34 -20.42
C GLY A 210 14.64 5.95 -20.64
N ASN A 211 13.52 5.62 -20.02
CA ASN A 211 12.97 4.29 -20.18
C ASN A 211 12.66 4.06 -21.65
N LEU A 212 12.71 2.79 -22.07
CA LEU A 212 12.45 2.40 -23.44
C LEU A 212 10.95 2.28 -23.67
N ASP A 213 10.22 2.09 -22.58
CA ASP A 213 8.78 1.93 -22.64
C ASP A 213 8.18 2.11 -21.27
N SER A 214 6.86 1.98 -21.18
CA SER A 214 6.15 2.36 -19.97
C SER A 214 5.10 1.32 -19.60
N LYS A 215 5.13 0.86 -18.36
CA LYS A 215 4.16 -0.13 -17.93
C LYS A 215 4.13 -0.25 -16.42
N GLY A 216 3.59 -1.35 -15.92
CA GLY A 216 3.37 -1.43 -14.48
C GLY A 216 3.22 -2.82 -13.94
N TYR A 217 3.39 -2.92 -12.61
CA TYR A 217 3.23 -4.17 -11.89
C TYR A 217 1.83 -4.22 -11.33
N GLY A 218 1.10 -5.28 -11.65
CA GLY A 218 -0.20 -5.53 -11.07
C GLY A 218 -0.16 -6.74 -10.17
N ILE A 219 -1.14 -6.84 -9.28
CA ILE A 219 -1.30 -8.06 -8.50
C ILE A 219 -2.16 -9.00 -9.30
N ALA A 220 -1.84 -10.29 -9.27
CA ALA A 220 -2.53 -11.22 -10.16
C ALA A 220 -3.42 -12.22 -9.43
N THR A 221 -4.53 -12.57 -10.07
CA THR A 221 -5.43 -13.60 -9.55
C THR A 221 -5.85 -14.48 -10.71
N PRO A 222 -6.31 -15.72 -10.41
CA PRO A 222 -6.81 -16.62 -11.45
C PRO A 222 -7.94 -15.95 -12.21
N LYS A 223 -7.98 -16.11 -13.53
CA LYS A 223 -9.02 -15.50 -14.35
C LYS A 223 -10.40 -15.83 -13.80
N GLY A 224 -11.20 -14.81 -13.50
CA GLY A 224 -12.54 -15.05 -13.00
C GLY A 224 -12.66 -15.36 -11.51
N SER A 225 -11.55 -15.25 -10.79
CA SER A 225 -11.56 -15.36 -9.34
C SER A 225 -12.40 -14.23 -8.71
N SER A 226 -12.86 -14.47 -7.48
CA SER A 226 -13.66 -13.49 -6.74
C SER A 226 -12.79 -12.48 -5.99
N LEU A 227 -11.56 -12.88 -5.65
CA LEU A 227 -10.60 -11.96 -5.04
C LEU A 227 -10.37 -10.77 -5.95
N GLY A 228 -10.31 -11.05 -7.26
CA GLY A 228 -10.00 -10.05 -8.26
C GLY A 228 -10.65 -8.71 -8.00
N ASN A 229 -11.89 -8.73 -7.52
CA ASN A 229 -12.60 -7.48 -7.22
C ASN A 229 -12.11 -6.76 -5.95
N ALA A 230 -12.14 -7.45 -4.83
CA ALA A 230 -11.73 -6.82 -3.57
C ALA A 230 -10.27 -6.36 -3.66
N VAL A 231 -9.40 -7.26 -4.10
CA VAL A 231 -7.99 -6.98 -4.20
C VAL A 231 -7.72 -5.70 -4.98
N ASN A 232 -8.39 -5.56 -6.12
CA ASN A 232 -8.21 -4.38 -6.93
C ASN A 232 -8.49 -3.14 -6.10
N LEU A 233 -9.73 -3.02 -5.61
CA LEU A 233 -10.11 -1.92 -4.73
C LEU A 233 -9.12 -1.68 -3.59
N ALA A 234 -8.62 -2.75 -2.99
CA ALA A 234 -7.61 -2.59 -1.96
C ALA A 234 -6.41 -1.80 -2.50
N VAL A 235 -5.97 -2.16 -3.69
CA VAL A 235 -4.85 -1.47 -4.31
C VAL A 235 -5.13 0.04 -4.47
N LEU A 236 -6.28 0.40 -5.05
CA LEU A 236 -6.65 1.80 -5.23
C LEU A 236 -6.64 2.59 -3.92
N LYS A 237 -7.31 2.05 -2.92
CA LYS A 237 -7.33 2.65 -1.58
C LYS A 237 -5.91 2.96 -1.11
N LEU A 238 -5.08 1.92 -1.03
CA LEU A 238 -3.71 2.05 -0.56
C LEU A 238 -2.88 3.04 -1.35
N SER A 239 -3.20 3.20 -2.62
CA SER A 239 -2.48 4.15 -3.47
C SER A 239 -2.83 5.57 -3.05
N GLU A 240 -4.13 5.87 -3.05
CA GLU A 240 -4.63 7.19 -2.70
C GLU A 240 -4.32 7.63 -1.26
N GLN A 241 -4.10 6.66 -0.36
CA GLN A 241 -3.76 6.98 1.02
C GLN A 241 -2.27 7.28 1.15
N GLY A 242 -1.51 6.97 0.11
CA GLY A 242 -0.10 7.30 0.08
C GLY A 242 0.84 6.16 0.42
N LEU A 243 0.26 5.01 0.78
CA LEU A 243 1.03 3.85 1.23
C LEU A 243 2.11 3.35 0.26
N LEU A 244 1.70 3.05 -0.98
CA LEU A 244 2.62 2.53 -1.98
C LEU A 244 3.88 3.35 -2.12
N ASP A 245 3.74 4.67 -2.04
CA ASP A 245 4.87 5.57 -2.25
C ASP A 245 5.70 5.70 -0.98
N LYS A 246 5.04 5.60 0.17
CA LYS A 246 5.75 5.54 1.44
C LYS A 246 6.62 4.27 1.53
N LEU A 247 6.14 3.21 0.93
CA LEU A 247 6.82 1.92 1.02
C LEU A 247 7.99 1.88 0.04
N LYS A 248 7.81 2.52 -1.11
CA LYS A 248 8.91 2.62 -2.05
C LYS A 248 10.07 3.37 -1.42
N ASN A 249 9.77 4.39 -0.65
CA ASN A 249 10.80 5.12 0.07
C ASN A 249 11.54 4.19 1.02
N LYS A 250 10.78 3.42 1.79
CA LYS A 250 11.35 2.56 2.81
C LYS A 250 12.34 1.51 2.29
N TRP A 251 12.07 0.93 1.13
CA TRP A 251 12.88 -0.18 0.65
C TRP A 251 13.87 0.20 -0.44
N TRP A 252 13.72 1.40 -0.98
CA TRP A 252 14.61 1.87 -2.03
C TRP A 252 15.62 2.89 -1.52
N TYR A 253 15.13 3.89 -0.80
CA TYR A 253 15.92 5.06 -0.52
C TYR A 253 16.33 5.23 0.94
N ASP A 254 15.35 5.11 1.85
CA ASP A 254 15.67 5.25 3.26
C ASP A 254 16.72 4.22 3.65
N LYS A 255 17.09 3.38 2.68
CA LYS A 255 18.09 2.33 2.87
C LYS A 255 19.37 2.58 2.06
N GLY A 256 19.41 3.69 1.33
CA GLY A 256 20.52 3.98 0.43
C GLY A 256 21.90 3.79 1.02
N GLU A 257 22.82 3.27 0.22
CA GLU A 257 24.24 3.14 0.61
C GLU A 257 25.15 3.88 -0.38
N CYS A 258 24.60 4.82 -1.14
CA CYS A 258 25.38 5.53 -2.16
C CYS A 258 25.15 7.05 -2.12
N LYS B 1 -24.82 -1.15 -33.77
CA LYS B 1 -25.22 0.08 -33.07
C LYS B 1 -24.05 1.00 -32.76
N THR B 2 -24.28 2.30 -32.93
CA THR B 2 -23.22 3.31 -32.77
C THR B 2 -22.94 3.59 -31.31
N VAL B 3 -21.67 3.48 -30.93
CA VAL B 3 -21.25 3.70 -29.56
C VAL B 3 -21.12 5.19 -29.22
N VAL B 4 -21.97 5.67 -28.32
CA VAL B 4 -21.87 7.04 -27.83
C VAL B 4 -20.66 7.19 -26.94
N VAL B 5 -19.66 7.93 -27.41
CA VAL B 5 -18.43 8.17 -26.65
C VAL B 5 -18.48 9.54 -25.99
N THR B 6 -18.53 9.60 -24.67
CA THR B 6 -18.50 10.90 -24.02
C THR B 6 -17.07 11.37 -23.78
N THR B 7 -16.86 12.67 -23.87
CA THR B 7 -15.55 13.22 -23.64
C THR B 7 -15.66 14.71 -23.31
N ILE B 8 -14.54 15.33 -22.97
CA ILE B 8 -14.55 16.69 -22.51
C ILE B 8 -13.56 17.48 -23.37
N LEU B 9 -13.72 18.81 -23.43
CA LEU B 9 -12.73 19.65 -24.12
C LEU B 9 -11.59 20.01 -23.18
N GLU B 10 -10.39 19.54 -23.51
CA GLU B 10 -9.25 19.74 -22.64
C GLU B 10 -7.96 19.54 -23.42
N SER B 11 -7.22 20.61 -23.64
CA SER B 11 -5.97 20.53 -24.40
C SER B 11 -4.86 19.78 -23.69
N PRO B 12 -4.18 18.88 -24.42
CA PRO B 12 -4.48 18.60 -25.83
C PRO B 12 -5.13 17.22 -26.07
N TYR B 13 -6.12 16.86 -25.26
CA TYR B 13 -6.80 15.58 -25.44
C TYR B 13 -7.90 15.71 -26.46
N VAL B 14 -8.82 16.63 -26.21
CA VAL B 14 -9.85 16.94 -27.18
C VAL B 14 -9.87 18.45 -27.44
N MET B 15 -9.89 18.83 -28.71
CA MET B 15 -9.89 20.23 -29.09
C MET B 15 -10.79 20.50 -30.30
N MET B 16 -11.43 21.67 -30.33
CA MET B 16 -12.20 22.07 -31.51
C MET B 16 -11.21 22.40 -32.61
N LYS B 17 -11.29 21.68 -33.72
CA LYS B 17 -10.35 21.90 -34.84
C LYS B 17 -10.58 23.31 -35.40
N LYS B 18 -9.53 23.93 -35.95
CA LYS B 18 -9.64 25.32 -36.43
C LYS B 18 -10.84 25.56 -37.36
N ASN B 19 -11.43 24.50 -37.91
CA ASN B 19 -12.72 24.63 -38.57
C ASN B 19 -13.92 24.23 -37.70
N HIS B 20 -14.05 24.84 -36.50
CA HIS B 20 -15.12 24.43 -35.56
C HIS B 20 -16.53 24.39 -36.19
N GLU B 21 -16.85 25.39 -37.03
CA GLU B 21 -18.18 25.49 -37.61
C GLU B 21 -18.37 24.80 -38.97
N MET B 22 -17.26 24.59 -39.68
CA MET B 22 -17.33 24.16 -41.07
C MET B 22 -17.39 22.64 -41.25
N LEU B 23 -17.09 21.89 -40.19
CA LEU B 23 -17.05 20.43 -40.28
C LEU B 23 -18.23 19.82 -39.53
N GLU B 24 -18.41 18.50 -39.64
CA GLU B 24 -19.50 17.84 -38.90
C GLU B 24 -19.13 16.49 -38.25
N GLY B 25 -19.96 16.06 -37.31
CA GLY B 25 -19.76 14.82 -36.58
C GLY B 25 -18.44 14.77 -35.82
N ASN B 26 -17.74 13.65 -35.96
CA ASN B 26 -16.48 13.45 -35.26
C ASN B 26 -15.34 14.30 -35.81
N GLU B 27 -15.40 14.66 -37.09
CA GLU B 27 -14.40 15.53 -37.71
C GLU B 27 -14.11 16.82 -36.94
N ARG B 28 -15.14 17.40 -36.33
CA ARG B 28 -14.99 18.67 -35.61
C ARG B 28 -13.79 18.70 -34.68
N TYR B 29 -13.39 17.54 -34.20
CA TYR B 29 -12.40 17.45 -33.13
C TYR B 29 -11.06 16.85 -33.56
N GLU B 30 -9.99 17.27 -32.90
CA GLU B 30 -8.70 16.65 -33.09
C GLU B 30 -8.09 16.50 -31.72
N GLY B 31 -7.03 15.72 -31.61
CA GLY B 31 -6.33 15.62 -30.34
C GLY B 31 -5.95 14.24 -29.91
N TYR B 32 -5.08 14.18 -28.90
CA TYR B 32 -4.63 12.91 -28.34
C TYR B 32 -5.76 11.89 -28.11
N CYS B 33 -6.79 12.29 -27.37
CA CYS B 33 -7.91 11.40 -27.11
C CYS B 33 -8.77 11.13 -28.34
N VAL B 34 -8.73 12.01 -29.33
CA VAL B 34 -9.52 11.75 -30.53
C VAL B 34 -8.86 10.69 -31.40
N ASP B 35 -7.55 10.69 -31.41
CA ASP B 35 -6.79 9.65 -32.09
C ASP B 35 -6.91 8.32 -31.35
N LEU B 36 -6.73 8.36 -30.03
CA LEU B 36 -6.80 7.16 -29.22
C LEU B 36 -8.13 6.44 -29.43
N ALA B 37 -9.21 7.19 -29.38
CA ALA B 37 -10.55 6.61 -29.48
C ALA B 37 -10.77 6.03 -30.88
N ALA B 38 -10.04 6.55 -31.85
CA ALA B 38 -10.19 6.06 -33.20
C ALA B 38 -9.58 4.67 -33.29
N GLU B 39 -8.38 4.50 -32.71
CA GLU B 39 -7.70 3.22 -32.75
C GLU B 39 -8.44 2.18 -31.89
N ILE B 40 -8.93 2.62 -30.73
CA ILE B 40 -9.79 1.78 -29.90
C ILE B 40 -10.96 1.26 -30.71
N ALA B 41 -11.60 2.15 -31.47
CA ALA B 41 -12.78 1.77 -32.23
C ALA B 41 -12.41 0.89 -33.41
N LYS B 42 -11.22 1.07 -33.96
CA LYS B 42 -10.74 0.19 -35.03
C LYS B 42 -10.48 -1.19 -34.47
N HIS B 43 -9.73 -1.26 -33.39
CA HIS B 43 -9.31 -2.55 -32.85
C HIS B 43 -10.46 -3.34 -32.20
N CYS B 44 -11.55 -2.67 -31.82
CA CYS B 44 -12.71 -3.39 -31.25
C CYS B 44 -13.86 -3.48 -32.25
N GLY B 45 -13.63 -2.94 -33.44
CA GLY B 45 -14.58 -3.07 -34.53
C GLY B 45 -15.95 -2.53 -34.23
N PHE B 46 -16.03 -1.26 -33.83
CA PHE B 46 -17.33 -0.61 -33.77
C PHE B 46 -17.26 0.83 -34.28
N LYS B 47 -18.42 1.45 -34.44
CA LYS B 47 -18.48 2.83 -34.88
C LYS B 47 -19.03 3.70 -33.73
N TYR B 48 -18.66 4.98 -33.72
CA TYR B 48 -18.93 5.81 -32.57
C TYR B 48 -19.19 7.25 -32.97
N LYS B 49 -19.99 7.93 -32.16
CA LYS B 49 -20.14 9.38 -32.23
C LYS B 49 -19.48 9.98 -31.02
N LEU B 50 -18.62 10.97 -31.23
CA LEU B 50 -18.07 11.71 -30.09
C LEU B 50 -19.02 12.83 -29.71
N THR B 51 -19.45 12.85 -28.46
CA THR B 51 -20.16 14.01 -27.93
C THR B 51 -19.42 14.57 -26.72
N ILE B 52 -19.52 15.88 -26.51
CA ILE B 52 -18.89 16.51 -25.38
C ILE B 52 -19.86 16.53 -24.21
N VAL B 53 -19.38 16.17 -23.02
CA VAL B 53 -20.24 16.17 -21.83
C VAL B 53 -20.79 17.57 -21.64
N GLY B 54 -22.03 17.65 -21.14
CA GLY B 54 -22.77 18.88 -21.11
C GLY B 54 -22.28 19.87 -20.08
N ASP B 55 -22.19 19.44 -18.83
CA ASP B 55 -21.77 20.34 -17.75
C ASP B 55 -20.27 20.55 -17.71
N GLY B 56 -19.61 20.25 -18.83
CA GLY B 56 -18.16 20.32 -18.96
C GLY B 56 -17.33 19.82 -17.79
N LYS B 57 -17.84 18.87 -17.02
CA LYS B 57 -17.13 18.38 -15.84
C LYS B 57 -16.64 16.94 -15.96
N TYR B 58 -15.77 16.54 -15.04
CA TYR B 58 -15.21 15.19 -15.07
C TYR B 58 -16.09 14.25 -14.28
N GLY B 59 -16.36 14.60 -13.04
CA GLY B 59 -17.36 13.88 -12.28
C GLY B 59 -17.06 13.73 -10.83
N ALA B 60 -17.84 14.44 -10.03
CA ALA B 60 -17.90 14.22 -8.60
C ALA B 60 -19.33 13.91 -8.21
N ARG B 61 -19.52 13.58 -6.94
CA ARG B 61 -20.82 13.18 -6.44
C ARG B 61 -21.32 14.24 -5.46
N ASP B 62 -22.54 14.75 -5.70
CA ASP B 62 -23.12 15.72 -4.77
C ASP B 62 -23.31 15.03 -3.42
N ALA B 63 -22.71 15.60 -2.38
CA ALA B 63 -22.88 15.08 -1.03
C ALA B 63 -24.31 15.31 -0.57
N ASP B 64 -24.93 16.39 -1.06
CA ASP B 64 -26.33 16.67 -0.77
C ASP B 64 -27.09 15.43 -1.21
N THR B 65 -27.37 15.38 -2.51
CA THR B 65 -28.34 14.46 -3.06
C THR B 65 -27.77 13.09 -3.40
N LYS B 66 -26.45 13.03 -3.63
CA LYS B 66 -25.76 11.77 -3.96
C LYS B 66 -25.77 11.45 -5.45
N ILE B 67 -26.18 12.41 -6.27
CA ILE B 67 -26.19 12.26 -7.73
C ILE B 67 -24.84 12.60 -8.37
N TRP B 68 -24.42 11.80 -9.35
CA TRP B 68 -23.17 12.04 -10.08
C TRP B 68 -23.28 13.07 -11.21
N ASN B 69 -22.28 13.95 -11.32
CA ASN B 69 -22.26 14.88 -12.45
C ASN B 69 -21.12 14.60 -13.46
N GLY B 70 -21.09 15.36 -14.55
CA GLY B 70 -20.02 15.22 -15.50
C GLY B 70 -20.00 13.84 -16.11
N MET B 71 -18.85 13.46 -16.66
CA MET B 71 -18.74 12.23 -17.42
C MET B 71 -19.08 10.98 -16.63
N VAL B 72 -18.66 10.94 -15.38
CA VAL B 72 -19.01 9.82 -14.52
C VAL B 72 -20.52 9.63 -14.53
N GLY B 73 -21.26 10.73 -14.51
CA GLY B 73 -22.70 10.69 -14.48
C GLY B 73 -23.22 10.21 -15.81
N GLU B 74 -22.61 10.68 -16.88
CA GLU B 74 -23.05 10.28 -18.22
C GLU B 74 -22.98 8.78 -18.41
N LEU B 75 -22.08 8.13 -17.68
CA LEU B 75 -21.97 6.67 -17.71
C LEU B 75 -22.95 6.06 -16.74
N VAL B 76 -22.81 6.44 -15.48
CA VAL B 76 -23.74 6.01 -14.45
C VAL B 76 -25.21 6.10 -14.88
N TYR B 77 -25.64 7.22 -15.44
CA TYR B 77 -27.06 7.37 -15.73
C TYR B 77 -27.50 7.07 -17.18
N GLY B 78 -26.69 6.31 -17.91
CA GLY B 78 -27.07 5.81 -19.23
C GLY B 78 -26.99 6.71 -20.47
N LYS B 79 -26.46 7.92 -20.31
CA LYS B 79 -26.43 8.85 -21.43
C LYS B 79 -25.31 8.54 -22.42
N ALA B 80 -24.38 7.67 -22.02
CA ALA B 80 -23.22 7.33 -22.85
C ALA B 80 -22.64 5.97 -22.52
N ASP B 81 -22.10 5.31 -23.54
CA ASP B 81 -21.66 3.93 -23.41
C ASP B 81 -20.18 3.83 -23.05
N ILE B 82 -19.47 4.96 -23.15
CA ILE B 82 -18.04 4.97 -22.87
C ILE B 82 -17.47 6.40 -22.79
N ALA B 83 -16.50 6.60 -21.91
CA ALA B 83 -15.86 7.90 -21.76
C ALA B 83 -14.39 7.85 -22.15
N ILE B 84 -14.05 8.48 -23.27
CA ILE B 84 -12.66 8.54 -23.72
C ILE B 84 -12.02 9.91 -23.52
N ALA B 85 -11.41 10.09 -22.36
CA ALA B 85 -10.86 11.38 -21.96
C ALA B 85 -9.74 11.23 -20.94
N PRO B 86 -9.17 12.36 -20.49
CA PRO B 86 -8.16 12.37 -19.42
C PRO B 86 -8.79 12.14 -18.06
N LEU B 87 -9.64 11.12 -17.99
CA LEU B 87 -10.37 10.79 -16.77
C LEU B 87 -9.57 9.90 -15.83
N THR B 88 -9.37 10.36 -14.61
CA THR B 88 -8.49 9.72 -13.66
C THR B 88 -9.09 8.58 -12.86
N ILE B 89 -8.42 7.43 -12.91
CA ILE B 89 -8.78 6.26 -12.11
C ILE B 89 -8.65 6.53 -10.62
N THR B 90 -9.80 6.74 -9.97
CA THR B 90 -9.86 6.90 -8.54
C THR B 90 -10.74 5.79 -7.92
N LEU B 91 -10.75 5.73 -6.60
CA LEU B 91 -11.44 4.67 -5.86
C LEU B 91 -12.96 4.87 -5.78
N VAL B 92 -13.42 6.09 -5.48
CA VAL B 92 -14.86 6.33 -5.46
C VAL B 92 -15.50 6.10 -6.83
N ARG B 93 -14.78 6.43 -7.89
CA ARG B 93 -15.29 6.26 -9.24
C ARG B 93 -15.32 4.78 -9.59
N GLU B 94 -14.23 4.09 -9.31
CA GLU B 94 -14.12 2.67 -9.61
C GLU B 94 -15.19 1.85 -8.88
N GLU B 95 -15.96 2.50 -8.02
CA GLU B 95 -17.07 1.82 -7.38
C GLU B 95 -18.32 1.84 -8.25
N VAL B 96 -18.44 2.85 -9.11
CA VAL B 96 -19.67 2.99 -9.88
C VAL B 96 -19.49 2.83 -11.39
N ILE B 97 -18.23 2.78 -11.82
CA ILE B 97 -17.90 2.57 -13.23
C ILE B 97 -16.71 1.66 -13.39
N ASP B 98 -16.51 1.12 -14.59
CA ASP B 98 -15.37 0.25 -14.86
C ASP B 98 -14.27 0.99 -15.61
N PHE B 99 -13.04 0.85 -15.14
CA PHE B 99 -11.89 1.51 -15.75
C PHE B 99 -10.97 0.53 -16.44
N SER B 100 -10.60 0.81 -17.69
CA SER B 100 -9.54 0.05 -18.33
C SER B 100 -8.21 0.27 -17.59
N LYS B 101 -7.22 -0.58 -17.84
CA LYS B 101 -5.89 -0.31 -17.32
C LYS B 101 -5.50 1.06 -17.81
N PRO B 102 -4.55 1.72 -17.12
CA PRO B 102 -4.05 3.04 -17.51
C PRO B 102 -3.57 3.07 -18.96
N PHE B 103 -3.82 4.19 -19.63
CA PHE B 103 -3.24 4.41 -20.95
C PHE B 103 -2.22 5.54 -20.88
N MET B 104 -2.20 6.25 -19.76
CA MET B 104 -1.23 7.30 -19.56
C MET B 104 -0.98 7.56 -18.08
N SER B 105 0.27 7.81 -17.72
CA SER B 105 0.65 8.04 -16.34
C SER B 105 0.56 9.53 -15.98
N LEU B 106 0.31 9.85 -14.71
CA LEU B 106 0.41 11.25 -14.24
C LEU B 106 0.35 11.42 -12.73
N GLY B 107 0.67 12.63 -12.31
CA GLY B 107 0.68 12.96 -10.90
C GLY B 107 0.24 14.38 -10.75
N ILE B 108 -0.03 14.80 -9.52
CA ILE B 108 -0.47 16.17 -9.25
C ILE B 108 0.71 17.14 -9.14
N SER B 109 0.64 18.24 -9.88
CA SER B 109 1.76 19.14 -9.99
C SER B 109 1.31 20.56 -9.75
N ILE B 110 2.28 21.43 -9.53
CA ILE B 110 2.00 22.82 -9.27
C ILE B 110 2.33 23.63 -10.52
N MET B 111 1.48 24.56 -10.87
CA MET B 111 1.82 25.47 -11.94
C MET B 111 1.88 26.85 -11.33
N ILE B 112 2.92 27.58 -11.70
CA ILE B 112 3.09 28.95 -11.24
C ILE B 112 3.52 29.82 -12.40
N LYS B 113 3.41 31.13 -12.22
CA LYS B 113 4.00 32.06 -13.17
C LYS B 113 5.51 32.02 -12.95
N LYS B 114 6.27 32.11 -14.03
CA LYS B 114 7.71 32.14 -13.91
C LYS B 114 8.13 33.25 -12.96
N GLY B 115 9.01 32.92 -12.02
CA GLY B 115 9.57 33.89 -11.12
C GLY B 115 8.98 33.79 -9.71
N THR B 116 7.89 33.06 -9.58
CA THR B 116 7.24 32.94 -8.29
C THR B 116 8.12 32.18 -7.31
N PRO B 117 8.26 32.72 -6.10
CA PRO B 117 9.12 32.16 -5.05
C PRO B 117 8.53 30.91 -4.42
N ILE B 118 8.20 29.93 -5.24
CA ILE B 118 7.71 28.65 -4.71
C ILE B 118 8.52 27.51 -5.30
N GLU B 119 8.78 26.50 -4.49
CA GLU B 119 9.58 25.36 -4.93
C GLU B 119 8.85 24.03 -4.72
N SER B 120 7.97 23.96 -3.73
CA SER B 120 7.31 22.70 -3.41
C SER B 120 5.89 22.85 -2.88
N ALA B 121 5.20 21.73 -2.71
CA ALA B 121 3.89 21.80 -2.07
C ALA B 121 4.04 22.29 -0.63
N GLU B 122 5.19 21.99 -0.03
CA GLU B 122 5.42 22.38 1.35
C GLU B 122 5.61 23.88 1.45
N ASP B 123 6.33 24.45 0.47
CA ASP B 123 6.53 25.90 0.43
C ASP B 123 5.19 26.66 0.38
N LEU B 124 4.22 26.11 -0.34
CA LEU B 124 2.88 26.66 -0.40
C LEU B 124 2.20 26.62 0.96
N SER B 125 2.31 25.48 1.63
CA SER B 125 1.66 25.29 2.92
C SER B 125 2.24 26.18 4.01
N LYS B 126 3.40 26.77 3.75
CA LYS B 126 4.12 27.56 4.76
C LYS B 126 3.90 29.08 4.62
N GLN B 127 2.84 29.49 3.92
CA GLN B 127 2.61 30.91 3.66
C GLN B 127 1.18 31.15 3.21
N THR B 128 0.81 32.42 3.09
CA THR B 128 -0.56 32.77 2.78
C THR B 128 -0.64 33.84 1.69
N GLU B 129 0.49 34.49 1.42
CA GLU B 129 0.52 35.53 0.39
C GLU B 129 0.04 35.00 -0.95
N ILE B 130 0.59 33.88 -1.37
CA ILE B 130 0.18 33.25 -2.63
C ILE B 130 -0.99 32.25 -2.43
N ALA B 131 -2.08 32.49 -3.14
CA ALA B 131 -3.21 31.58 -3.09
C ALA B 131 -3.04 30.45 -4.11
N TYR B 132 -3.59 29.29 -3.78
CA TYR B 132 -3.51 28.12 -4.64
C TYR B 132 -4.84 27.38 -4.60
N GLY B 133 -5.34 26.98 -5.75
CA GLY B 133 -6.60 26.27 -5.82
C GLY B 133 -6.55 25.13 -6.80
N THR B 134 -7.70 24.52 -7.06
CA THR B 134 -7.76 23.44 -8.03
C THR B 134 -9.06 23.47 -8.79
N LEU B 135 -9.11 22.70 -9.87
CA LEU B 135 -10.32 22.45 -10.64
C LEU B 135 -11.40 21.88 -9.73
N ASP B 136 -12.62 22.36 -9.90
CA ASP B 136 -13.78 21.82 -9.19
C ASP B 136 -14.27 20.51 -9.84
N SER B 137 -14.85 19.64 -9.02
CA SER B 137 -15.44 18.37 -9.50
C SER B 137 -14.44 17.44 -10.19
N GLY B 138 -13.19 17.51 -9.77
CA GLY B 138 -12.14 16.70 -10.37
C GLY B 138 -11.42 15.83 -9.37
N SER B 139 -10.60 14.90 -9.89
CA SER B 139 -9.75 14.00 -9.12
C SER B 139 -8.86 14.72 -8.13
N THR B 140 -8.35 15.86 -8.57
CA THR B 140 -7.43 16.61 -7.76
C THR B 140 -8.12 17.13 -6.52
N LYS B 141 -9.24 17.83 -6.71
CA LYS B 141 -9.96 18.35 -5.56
C LYS B 141 -10.19 17.25 -4.53
N GLU B 142 -10.65 16.08 -4.98
CA GLU B 142 -10.90 14.95 -4.07
C GLU B 142 -9.62 14.50 -3.37
N PHE B 143 -8.52 14.45 -4.10
CA PHE B 143 -7.25 14.06 -3.49
C PHE B 143 -7.01 14.80 -2.18
N PHE B 144 -7.17 16.13 -2.19
CA PHE B 144 -6.94 16.91 -0.98
C PHE B 144 -8.03 16.71 0.07
N ARG B 145 -9.28 16.68 -0.37
CA ARG B 145 -10.37 16.50 0.59
C ARG B 145 -10.16 15.23 1.40
N ARG B 146 -9.39 14.31 0.86
CA ARG B 146 -9.34 12.96 1.41
C ARG B 146 -7.95 12.57 1.92
N SER B 147 -6.99 13.47 1.73
CA SER B 147 -5.60 13.15 2.11
C SER B 147 -5.34 13.31 3.61
N LYS B 148 -4.61 12.33 4.16
CA LYS B 148 -4.25 12.35 5.57
C LYS B 148 -2.77 12.69 5.75
N ILE B 149 -2.12 13.20 4.71
CA ILE B 149 -0.74 13.60 4.86
C ILE B 149 -0.72 15.00 5.45
N ALA B 150 0.15 15.19 6.44
CA ALA B 150 0.26 16.47 7.13
C ALA B 150 0.15 17.66 6.19
N VAL B 151 1.05 17.75 5.20
CA VAL B 151 1.13 18.91 4.32
C VAL B 151 -0.11 19.12 3.45
N PHE B 152 -0.75 18.03 3.04
CA PHE B 152 -1.92 18.13 2.17
C PHE B 152 -3.20 18.50 2.92
N ASP B 153 -3.38 18.04 4.15
CA ASP B 153 -4.57 18.40 4.92
C ASP B 153 -4.54 19.89 5.27
N LYS B 154 -3.34 20.41 5.48
CA LYS B 154 -3.21 21.84 5.80
C LYS B 154 -3.47 22.68 4.55
N MET B 155 -3.10 22.15 3.39
CA MET B 155 -3.41 22.79 2.13
C MET B 155 -4.91 22.77 1.90
N TRP B 156 -5.50 21.60 2.13
CA TRP B 156 -6.93 21.42 1.92
C TRP B 156 -7.70 22.36 2.84
N THR B 157 -7.24 22.43 4.08
CA THR B 157 -7.84 23.30 5.08
C THR B 157 -7.90 24.74 4.61
N TYR B 158 -6.80 25.23 4.04
CA TYR B 158 -6.76 26.61 3.53
C TYR B 158 -7.64 26.81 2.30
N MET B 159 -7.76 25.77 1.47
CA MET B 159 -8.47 25.89 0.21
C MET B 159 -9.95 25.87 0.44
N ARG B 160 -10.37 25.02 1.37
CA ARG B 160 -11.79 24.78 1.61
C ARG B 160 -12.44 25.99 2.24
N SER B 161 -11.63 26.89 2.78
CA SER B 161 -12.14 28.04 3.54
C SER B 161 -11.70 29.38 2.94
N ALA B 162 -11.09 29.36 1.76
CA ALA B 162 -10.56 30.60 1.17
C ALA B 162 -11.65 31.42 0.48
N GLU B 163 -11.54 32.73 0.57
CA GLU B 163 -12.43 33.62 -0.18
C GLU B 163 -11.64 34.84 -0.67
N PRO B 164 -11.80 35.18 -1.96
CA PRO B 164 -12.70 34.51 -2.91
C PRO B 164 -12.27 33.08 -3.18
N SER B 165 -13.22 32.23 -3.50
CA SER B 165 -12.95 30.84 -3.84
C SER B 165 -11.67 30.70 -4.66
N VAL B 166 -10.84 29.74 -4.26
CA VAL B 166 -9.62 29.42 -5.00
C VAL B 166 -9.90 28.39 -6.08
N PHE B 167 -11.11 27.83 -6.09
CA PHE B 167 -11.47 26.79 -7.07
C PHE B 167 -11.90 27.37 -8.41
N VAL B 168 -11.70 26.58 -9.45
CA VAL B 168 -11.99 27.00 -10.82
C VAL B 168 -12.81 25.94 -11.55
N ARG B 169 -13.56 26.36 -12.56
CA ARG B 169 -14.52 25.47 -13.22
C ARG B 169 -13.94 24.76 -14.43
N THR B 170 -12.93 25.35 -15.03
CA THR B 170 -12.21 24.69 -16.11
C THR B 170 -10.72 24.90 -15.96
N THR B 171 -9.95 23.91 -16.41
CA THR B 171 -8.49 24.03 -16.41
C THR B 171 -8.07 25.33 -17.08
N ALA B 172 -8.75 25.70 -18.17
CA ALA B 172 -8.44 26.93 -18.87
C ALA B 172 -8.57 28.15 -17.95
N GLU B 173 -9.61 28.16 -17.12
CA GLU B 173 -9.84 29.28 -16.21
C GLU B 173 -8.70 29.35 -15.21
N GLY B 174 -8.37 28.19 -14.62
CA GLY B 174 -7.27 28.08 -13.69
C GLY B 174 -5.99 28.66 -14.28
N VAL B 175 -5.73 28.37 -15.55
CA VAL B 175 -4.50 28.84 -16.17
C VAL B 175 -4.55 30.35 -16.27
N ALA B 176 -5.65 30.87 -16.83
CA ALA B 176 -5.85 32.31 -16.96
C ALA B 176 -5.58 33.05 -15.64
N ARG B 177 -6.11 32.50 -14.55
CA ARG B 177 -5.93 33.11 -13.24
C ARG B 177 -4.45 33.21 -12.85
N VAL B 178 -3.70 32.12 -13.06
CA VAL B 178 -2.26 32.14 -12.84
C VAL B 178 -1.56 33.28 -13.56
N ARG B 179 -1.83 33.39 -14.86
CA ARG B 179 -1.22 34.43 -15.68
C ARG B 179 -1.59 35.84 -15.24
N LYS B 180 -2.88 36.06 -14.99
CA LYS B 180 -3.36 37.41 -14.70
C LYS B 180 -3.15 37.82 -13.23
N SER B 181 -2.65 36.90 -12.41
CA SER B 181 -2.52 37.19 -10.99
C SER B 181 -1.13 37.65 -10.59
N LYS B 182 -0.25 37.86 -11.56
CA LYS B 182 1.11 38.35 -11.30
C LYS B 182 1.85 37.53 -10.23
N GLY B 183 1.62 36.22 -10.23
CA GLY B 183 2.33 35.31 -9.35
C GLY B 183 1.81 35.27 -7.93
N LYS B 184 0.51 35.49 -7.75
CA LYS B 184 -0.09 35.45 -6.41
C LYS B 184 -1.16 34.38 -6.35
N TYR B 185 -1.32 33.68 -7.49
CA TYR B 185 -2.12 32.46 -7.56
C TYR B 185 -1.33 31.35 -8.24
N ALA B 186 -1.27 30.20 -7.56
CA ALA B 186 -0.73 28.97 -8.13
C ALA B 186 -1.87 27.99 -8.33
N TYR B 187 -1.70 27.09 -9.29
CA TYR B 187 -2.76 26.17 -9.69
C TYR B 187 -2.30 24.73 -9.58
N LEU B 188 -2.99 23.97 -8.73
CA LEU B 188 -2.71 22.56 -8.57
C LEU B 188 -3.47 21.79 -9.64
N LEU B 189 -2.74 21.19 -10.57
CA LEU B 189 -3.34 20.48 -11.70
C LEU B 189 -2.45 19.31 -12.04
N GLU B 190 -2.88 18.51 -13.00
CA GLU B 190 -2.16 17.28 -13.30
C GLU B 190 -0.94 17.48 -14.20
N SER B 191 0.14 16.79 -13.88
CA SER B 191 1.42 16.96 -14.54
C SER B 191 1.32 17.00 -16.07
N THR B 192 0.44 16.16 -16.63
CA THR B 192 0.28 16.08 -18.07
C THR B 192 -0.12 17.43 -18.65
N MET B 193 -1.22 17.97 -18.13
CA MET B 193 -1.72 19.26 -18.57
C MET B 193 -0.69 20.34 -18.36
N ASN B 194 -0.04 20.31 -17.21
CA ASN B 194 1.01 21.25 -16.89
C ASN B 194 2.14 21.24 -17.94
N GLU B 195 2.68 20.05 -18.21
CA GLU B 195 3.78 19.90 -19.17
C GLU B 195 3.40 20.52 -20.52
N TYR B 196 2.17 20.27 -20.96
CA TYR B 196 1.64 20.87 -22.19
C TYR B 196 1.59 22.39 -22.15
N ILE B 197 0.89 22.95 -21.17
CA ILE B 197 0.81 24.41 -21.02
C ILE B 197 2.23 25.01 -21.05
N GLU B 198 3.13 24.44 -20.28
CA GLU B 198 4.50 24.96 -20.17
C GLU B 198 5.11 25.25 -21.55
N GLN B 199 4.81 24.40 -22.52
CA GLN B 199 5.40 24.50 -23.85
C GLN B 199 4.56 25.28 -24.89
N ARG B 200 3.63 26.12 -24.43
CA ARG B 200 2.83 26.95 -25.34
C ARG B 200 3.07 28.43 -25.05
N LYS B 201 3.02 29.26 -26.10
CA LYS B 201 3.01 30.71 -25.92
C LYS B 201 1.84 31.07 -25.00
N PRO B 202 2.01 32.09 -24.13
CA PRO B 202 3.11 33.05 -23.95
C PRO B 202 4.27 32.54 -23.09
N CYS B 203 4.36 31.24 -22.86
CA CYS B 203 5.53 30.67 -22.20
C CYS B 203 5.84 31.30 -20.85
N ASP B 204 4.81 31.65 -20.08
CA ASP B 204 5.00 32.42 -18.86
C ASP B 204 4.72 31.61 -17.61
N THR B 205 4.26 30.38 -17.77
CA THR B 205 4.06 29.50 -16.64
C THR B 205 5.17 28.48 -16.56
N MET B 206 5.13 27.65 -15.53
CA MET B 206 6.24 26.76 -15.25
C MET B 206 5.83 25.74 -14.21
N LYS B 207 6.03 24.47 -14.53
CA LYS B 207 5.84 23.38 -13.59
C LYS B 207 6.89 23.50 -12.51
N VAL B 208 6.51 23.25 -11.26
CA VAL B 208 7.48 23.30 -10.17
C VAL B 208 7.37 22.16 -9.17
N GLY B 209 8.53 21.79 -8.64
CA GLY B 209 8.63 20.68 -7.71
C GLY B 209 8.45 19.37 -8.45
N GLY B 210 8.18 18.33 -7.66
CA GLY B 210 7.89 17.03 -8.23
C GLY B 210 6.39 16.81 -8.22
N ASN B 211 5.99 15.58 -8.49
CA ASN B 211 4.59 15.24 -8.51
C ASN B 211 4.15 14.81 -7.12
N LEU B 212 3.01 15.34 -6.69
CA LEU B 212 2.52 15.10 -5.34
C LEU B 212 1.99 13.69 -5.13
N ASP B 213 1.90 12.92 -6.21
CA ASP B 213 1.45 11.54 -6.11
C ASP B 213 1.48 10.92 -7.49
N SER B 214 1.13 9.63 -7.56
CA SER B 214 1.12 8.90 -8.82
C SER B 214 -0.26 8.36 -9.13
N LYS B 215 -0.65 8.43 -10.40
CA LYS B 215 -1.85 7.75 -10.84
C LYS B 215 -1.98 7.81 -12.34
N GLY B 216 -3.15 7.46 -12.86
CA GLY B 216 -3.29 7.25 -14.28
C GLY B 216 -4.67 7.48 -14.84
N TYR B 217 -4.69 7.72 -16.14
CA TYR B 217 -5.91 7.87 -16.93
C TYR B 217 -6.41 6.53 -17.45
N GLY B 218 -7.69 6.25 -17.26
CA GLY B 218 -8.30 5.02 -17.75
C GLY B 218 -9.45 5.34 -18.67
N ILE B 219 -9.79 4.41 -19.55
CA ILE B 219 -11.03 4.52 -20.34
C ILE B 219 -12.16 3.95 -19.52
N ALA B 220 -13.17 4.74 -19.19
CA ALA B 220 -14.28 4.23 -18.39
C ALA B 220 -15.49 3.73 -19.21
N THR B 221 -16.20 2.75 -18.65
CA THR B 221 -17.36 2.14 -19.26
C THR B 221 -18.29 1.83 -18.12
N PRO B 222 -19.61 1.77 -18.38
CA PRO B 222 -20.61 1.46 -17.36
C PRO B 222 -20.32 0.13 -16.68
N LYS B 223 -20.52 0.08 -15.37
CA LYS B 223 -20.26 -1.11 -14.58
C LYS B 223 -20.94 -2.36 -15.20
N GLY B 224 -20.13 -3.33 -15.60
CA GLY B 224 -20.64 -4.57 -16.18
C GLY B 224 -21.04 -4.48 -17.66
N SER B 225 -20.47 -3.53 -18.38
CA SER B 225 -20.67 -3.41 -19.83
C SER B 225 -19.84 -4.44 -20.60
N SER B 226 -20.28 -4.75 -21.82
CA SER B 226 -19.56 -5.71 -22.66
C SER B 226 -18.29 -5.11 -23.25
N LEU B 227 -18.34 -3.82 -23.62
CA LEU B 227 -17.17 -3.12 -24.14
C LEU B 227 -15.99 -3.14 -23.15
N GLY B 228 -16.30 -3.05 -21.86
CA GLY B 228 -15.28 -3.01 -20.82
C GLY B 228 -14.08 -3.91 -21.09
N ASN B 229 -14.34 -5.13 -21.56
CA ASN B 229 -13.31 -6.12 -21.79
C ASN B 229 -12.52 -5.89 -23.08
N ALA B 230 -13.21 -5.98 -24.21
CA ALA B 230 -12.59 -5.64 -25.49
C ALA B 230 -11.74 -4.37 -25.35
N VAL B 231 -12.33 -3.32 -24.81
CA VAL B 231 -11.67 -2.04 -24.65
C VAL B 231 -10.33 -2.16 -23.92
N ASN B 232 -10.33 -2.99 -22.89
CA ASN B 232 -9.12 -3.17 -22.10
C ASN B 232 -7.97 -3.86 -22.86
N LEU B 233 -8.21 -5.03 -23.44
CA LEU B 233 -7.23 -5.69 -24.29
C LEU B 233 -6.74 -4.73 -25.37
N ALA B 234 -7.66 -3.92 -25.87
CA ALA B 234 -7.34 -2.94 -26.89
C ALA B 234 -6.28 -1.96 -26.37
N VAL B 235 -6.50 -1.41 -25.19
CA VAL B 235 -5.52 -0.53 -24.58
C VAL B 235 -4.18 -1.26 -24.42
N LEU B 236 -4.22 -2.46 -23.87
CA LEU B 236 -3.01 -3.23 -23.63
C LEU B 236 -2.24 -3.46 -24.94
N LYS B 237 -2.97 -3.84 -25.99
CA LYS B 237 -2.38 -3.97 -27.32
C LYS B 237 -1.63 -2.69 -27.72
N LEU B 238 -2.33 -1.56 -27.72
CA LEU B 238 -1.81 -0.31 -28.25
C LEU B 238 -0.59 0.16 -27.47
N SER B 239 -0.59 -0.11 -26.17
CA SER B 239 0.55 0.26 -25.33
C SER B 239 1.81 -0.51 -25.71
N GLU B 240 1.67 -1.73 -26.20
CA GLU B 240 2.83 -2.52 -26.53
C GLU B 240 3.35 -2.17 -27.92
N GLN B 241 2.43 -1.94 -28.85
CA GLN B 241 2.83 -1.57 -30.20
C GLN B 241 3.53 -0.21 -30.22
N GLY B 242 3.44 0.51 -29.11
CA GLY B 242 4.10 1.81 -28.96
C GLY B 242 3.21 3.01 -29.28
N LEU B 243 2.09 2.75 -29.94
CA LEU B 243 1.19 3.82 -30.36
C LEU B 243 0.97 4.89 -29.29
N LEU B 244 0.73 4.46 -28.06
CA LEU B 244 0.48 5.41 -26.99
C LEU B 244 1.66 6.32 -26.77
N ASP B 245 2.87 5.79 -26.94
CA ASP B 245 4.07 6.61 -26.73
C ASP B 245 4.28 7.51 -27.94
N LYS B 246 4.00 6.99 -29.13
CA LYS B 246 4.05 7.78 -30.35
C LYS B 246 3.02 8.92 -30.37
N LEU B 247 1.76 8.57 -30.14
CA LEU B 247 0.69 9.55 -29.96
C LEU B 247 1.08 10.70 -29.02
N LYS B 248 1.58 10.36 -27.84
CA LYS B 248 1.92 11.36 -26.84
C LYS B 248 2.98 12.34 -27.33
N ASN B 249 3.97 11.83 -28.05
CA ASN B 249 5.03 12.70 -28.57
C ASN B 249 4.53 13.64 -29.65
N LYS B 250 3.43 13.26 -30.29
CA LYS B 250 2.89 14.04 -31.38
C LYS B 250 2.16 15.26 -30.85
N TRP B 251 1.51 15.09 -29.71
CA TRP B 251 0.63 16.13 -29.21
C TRP B 251 1.28 17.03 -28.17
N TRP B 252 2.26 16.50 -27.47
CA TRP B 252 2.92 17.24 -26.42
C TRP B 252 4.17 17.93 -26.93
N TYR B 253 4.94 17.24 -27.74
CA TYR B 253 6.30 17.69 -28.02
C TYR B 253 6.56 18.16 -29.45
N ASP B 254 6.17 17.35 -30.44
CA ASP B 254 6.24 17.79 -31.83
C ASP B 254 5.36 19.03 -31.97
N LYS B 255 4.79 19.47 -30.86
CA LYS B 255 3.91 20.63 -30.83
C LYS B 255 4.44 21.80 -29.98
N GLY B 256 5.74 21.78 -29.68
CA GLY B 256 6.36 22.74 -28.77
C GLY B 256 6.56 24.12 -29.32
N GLU B 257 6.55 25.13 -28.44
CA GLU B 257 6.62 26.53 -28.86
C GLU B 257 7.63 27.38 -28.08
N CYS B 258 8.33 26.78 -27.13
CA CYS B 258 9.26 27.54 -26.29
C CYS B 258 10.64 26.89 -26.23
N LYS C 1 -11.83 -34.02 37.70
CA LYS C 1 -12.03 -33.32 36.43
C LYS C 1 -10.96 -32.24 36.25
N THR C 2 -10.13 -32.40 35.21
CA THR C 2 -9.06 -31.45 34.99
C THR C 2 -9.58 -30.18 34.34
N VAL C 3 -9.39 -29.06 35.01
CA VAL C 3 -9.79 -27.75 34.52
C VAL C 3 -8.86 -27.28 33.39
N VAL C 4 -9.43 -26.87 32.26
CA VAL C 4 -8.61 -26.36 31.17
C VAL C 4 -8.28 -24.88 31.34
N VAL C 5 -7.01 -24.53 31.47
CA VAL C 5 -6.67 -23.12 31.67
C VAL C 5 -6.18 -22.52 30.38
N THR C 6 -6.93 -21.56 29.85
CA THR C 6 -6.47 -20.82 28.68
C THR C 6 -5.64 -19.62 29.14
N THR C 7 -4.55 -19.39 28.44
CA THR C 7 -3.70 -18.25 28.72
C THR C 7 -2.90 -17.89 27.47
N ILE C 8 -1.96 -16.98 27.58
CA ILE C 8 -1.33 -16.42 26.41
C ILE C 8 0.15 -16.22 26.68
N LEU C 9 0.94 -16.12 25.62
CA LEU C 9 2.37 -15.93 25.75
C LEU C 9 2.66 -14.45 25.81
N GLU C 10 3.13 -14.01 26.97
CA GLU C 10 3.17 -12.59 27.27
C GLU C 10 4.06 -12.39 28.50
N SER C 11 5.27 -11.89 28.28
CA SER C 11 6.20 -11.72 29.39
C SER C 11 5.89 -10.52 30.27
N PRO C 12 6.09 -10.66 31.59
CA PRO C 12 6.57 -11.91 32.18
C PRO C 12 5.43 -12.82 32.67
N TYR C 13 4.24 -12.72 32.08
CA TYR C 13 3.09 -13.46 32.60
C TYR C 13 3.19 -14.96 32.36
N VAL C 14 3.36 -15.36 31.10
CA VAL C 14 3.51 -16.76 30.75
C VAL C 14 4.54 -16.87 29.65
N MET C 15 5.62 -17.58 29.93
CA MET C 15 6.71 -17.72 28.95
C MET C 15 7.12 -19.17 28.84
N MET C 16 7.66 -19.51 27.67
CA MET C 16 8.10 -20.87 27.38
C MET C 16 9.55 -21.04 27.81
N LYS C 17 9.75 -21.80 28.87
CA LYS C 17 11.07 -21.97 29.45
C LYS C 17 12.07 -22.33 28.36
N LYS C 18 13.27 -21.77 28.48
CA LYS C 18 14.38 -22.10 27.59
C LYS C 18 14.48 -23.61 27.32
N ASN C 19 14.36 -23.99 26.06
CA ASN C 19 14.58 -25.38 25.65
C ASN C 19 13.52 -26.38 26.11
N HIS C 20 12.32 -25.90 26.41
CA HIS C 20 11.25 -26.78 26.88
C HIS C 20 10.17 -27.05 25.84
N GLU C 21 10.44 -26.64 24.61
CA GLU C 21 9.42 -26.73 23.55
C GLU C 21 8.89 -28.15 23.37
N MET C 22 9.76 -29.14 23.56
CA MET C 22 9.39 -30.54 23.32
C MET C 22 8.98 -31.29 24.59
N LEU C 23 9.00 -30.59 25.71
CA LEU C 23 8.56 -31.20 26.97
C LEU C 23 7.04 -31.18 27.04
N GLU C 24 6.51 -31.66 28.16
CA GLU C 24 5.09 -31.93 28.28
C GLU C 24 4.46 -31.19 29.47
N GLY C 25 3.22 -30.73 29.30
CA GLY C 25 2.46 -30.26 30.44
C GLY C 25 2.87 -28.91 30.99
N ASN C 26 2.34 -28.60 32.19
CA ASN C 26 2.48 -27.28 32.79
C ASN C 26 3.92 -26.86 33.03
N GLU C 27 4.80 -27.86 33.15
CA GLU C 27 6.21 -27.62 33.45
C GLU C 27 6.91 -26.76 32.40
N ARG C 28 6.36 -26.75 31.19
CA ARG C 28 7.00 -26.05 30.07
C ARG C 28 6.93 -24.54 30.18
N TYR C 29 6.12 -24.03 31.10
CA TYR C 29 5.97 -22.59 31.28
C TYR C 29 6.40 -22.04 32.62
N GLU C 30 6.80 -20.76 32.59
CA GLU C 30 7.09 -20.01 33.81
C GLU C 30 6.44 -18.63 33.68
N GLY C 31 6.23 -17.95 34.81
CA GLY C 31 5.79 -16.58 34.74
C GLY C 31 4.89 -16.16 35.88
N TYR C 32 4.50 -14.88 35.91
CA TYR C 32 3.58 -14.38 36.92
C TYR C 32 2.29 -15.19 36.93
N CYS C 33 1.65 -15.29 35.77
CA CYS C 33 0.39 -16.02 35.67
C CYS C 33 0.52 -17.51 35.93
N VAL C 34 1.62 -18.12 35.49
CA VAL C 34 1.84 -19.55 35.76
C VAL C 34 1.92 -19.83 37.27
N ASP C 35 2.49 -18.89 38.02
CA ASP C 35 2.58 -18.99 39.48
C ASP C 35 1.23 -18.70 40.11
N LEU C 36 0.64 -17.58 39.73
CA LEU C 36 -0.70 -17.27 40.15
C LEU C 36 -1.61 -18.49 39.96
N ALA C 37 -1.58 -19.26 38.69
CA ALA C 37 -2.49 -20.39 38.45
C ALA C 37 -2.26 -21.48 39.48
N ALA C 38 -1.02 -21.74 39.81
CA ALA C 38 -0.68 -22.75 40.81
C ALA C 38 -1.31 -22.46 42.18
N GLU C 39 -1.25 -21.20 42.62
CA GLU C 39 -1.86 -20.78 43.89
C GLU C 39 -3.39 -20.82 43.82
N ILE C 40 -3.97 -20.29 42.74
CA ILE C 40 -5.42 -20.38 42.56
C ILE C 40 -5.90 -21.82 42.64
N ALA C 41 -5.26 -22.70 41.88
CA ALA C 41 -5.65 -24.11 41.85
C ALA C 41 -5.47 -24.78 43.20
N LYS C 42 -4.39 -24.43 43.91
CA LYS C 42 -4.15 -24.95 45.25
C LYS C 42 -5.27 -24.58 46.22
N HIS C 43 -5.61 -23.29 46.28
CA HIS C 43 -6.63 -22.81 47.20
C HIS C 43 -8.05 -23.29 46.87
N CYS C 44 -8.38 -23.33 45.57
CA CYS C 44 -9.70 -23.80 45.12
C CYS C 44 -9.74 -25.32 45.04
N GLY C 45 -8.56 -25.93 45.17
CA GLY C 45 -8.44 -27.37 45.11
C GLY C 45 -8.83 -28.02 43.81
N PHE C 46 -8.00 -27.90 42.78
CA PHE C 46 -8.23 -28.66 41.56
C PHE C 46 -6.96 -28.91 40.73
N LYS C 47 -7.08 -29.79 39.74
CA LYS C 47 -5.99 -30.06 38.82
C LYS C 47 -6.30 -29.37 37.48
N TYR C 48 -5.34 -28.62 36.97
CA TYR C 48 -5.53 -27.85 35.74
C TYR C 48 -4.55 -28.30 34.67
N LYS C 49 -4.89 -28.01 33.42
CA LYS C 49 -3.92 -28.12 32.34
C LYS C 49 -3.75 -26.76 31.65
N LEU C 50 -2.52 -26.26 31.67
CA LEU C 50 -2.20 -25.03 30.97
C LEU C 50 -2.19 -25.23 29.44
N THR C 51 -2.99 -24.44 28.74
CA THR C 51 -2.97 -24.46 27.28
C THR C 51 -2.88 -23.06 26.73
N ILE C 52 -2.18 -22.89 25.62
CA ILE C 52 -2.06 -21.59 24.97
C ILE C 52 -3.18 -21.35 23.95
N VAL C 53 -3.73 -20.14 23.98
CA VAL C 53 -4.81 -19.78 23.09
C VAL C 53 -4.36 -19.87 21.66
N GLY C 54 -5.08 -20.66 20.87
CA GLY C 54 -4.69 -20.98 19.50
C GLY C 54 -4.46 -19.81 18.55
N ASP C 55 -5.33 -18.82 18.60
CA ASP C 55 -5.21 -17.69 17.69
C ASP C 55 -4.35 -16.58 18.29
N GLY C 56 -3.96 -16.75 19.54
CA GLY C 56 -3.06 -15.81 20.18
C GLY C 56 -3.58 -14.39 20.40
N LYS C 57 -4.89 -14.21 20.30
CA LYS C 57 -5.51 -12.94 20.66
C LYS C 57 -6.03 -12.96 22.08
N TYR C 58 -6.51 -11.82 22.55
CA TYR C 58 -7.02 -11.68 23.90
C TYR C 58 -8.53 -11.86 23.93
N GLY C 59 -9.24 -11.01 23.20
CA GLY C 59 -10.68 -11.08 23.20
C GLY C 59 -11.37 -9.85 22.63
N ALA C 60 -11.73 -9.95 21.35
CA ALA C 60 -12.58 -8.95 20.72
C ALA C 60 -13.75 -9.63 20.05
N ARG C 61 -14.82 -8.89 19.91
CA ARG C 61 -16.01 -9.38 19.22
C ARG C 61 -15.99 -8.82 17.81
N ASP C 62 -16.00 -9.69 16.82
CA ASP C 62 -15.97 -9.26 15.42
C ASP C 62 -17.20 -8.42 15.08
N ALA C 63 -16.97 -7.26 14.46
CA ALA C 63 -18.06 -6.38 14.06
C ALA C 63 -18.95 -7.06 13.02
N ASP C 64 -18.31 -7.80 12.12
CA ASP C 64 -19.00 -8.47 11.03
C ASP C 64 -19.95 -9.52 11.61
N THR C 65 -19.34 -10.59 12.11
CA THR C 65 -20.04 -11.81 12.44
C THR C 65 -20.52 -11.89 13.89
N LYS C 66 -20.16 -10.90 14.70
CA LYS C 66 -20.46 -10.94 16.13
C LYS C 66 -19.80 -12.14 16.83
N ILE C 67 -18.64 -12.57 16.33
CA ILE C 67 -17.93 -13.71 16.90
C ILE C 67 -16.71 -13.33 17.73
N TRP C 68 -16.67 -13.81 18.96
CA TRP C 68 -15.53 -13.57 19.86
C TRP C 68 -14.28 -14.40 19.53
N ASN C 69 -13.16 -13.71 19.37
CA ASN C 69 -11.89 -14.41 19.24
C ASN C 69 -11.20 -14.49 20.59
N GLY C 70 -10.04 -15.15 20.61
CA GLY C 70 -9.13 -15.06 21.73
C GLY C 70 -9.48 -15.86 22.95
N MET C 71 -8.83 -15.52 24.05
CA MET C 71 -9.11 -16.15 25.32
C MET C 71 -10.60 -15.98 25.69
N VAL C 72 -11.16 -14.81 25.36
CA VAL C 72 -12.58 -14.61 25.62
C VAL C 72 -13.35 -15.67 24.84
N GLY C 73 -13.03 -15.81 23.57
CA GLY C 73 -13.64 -16.79 22.71
C GLY C 73 -13.63 -18.19 23.29
N GLU C 74 -12.48 -18.65 23.73
CA GLU C 74 -12.35 -19.99 24.31
C GLU C 74 -13.36 -20.24 25.42
N LEU C 75 -13.68 -19.18 26.17
CA LEU C 75 -14.63 -19.27 27.27
C LEU C 75 -16.06 -19.27 26.78
N VAL C 76 -16.41 -18.30 25.95
CA VAL C 76 -17.79 -18.19 25.49
C VAL C 76 -18.29 -19.49 24.84
N TYR C 77 -17.41 -20.15 24.09
CA TYR C 77 -17.81 -21.32 23.31
C TYR C 77 -17.39 -22.65 23.93
N GLY C 78 -17.07 -22.65 25.21
CA GLY C 78 -16.78 -23.87 25.93
C GLY C 78 -15.52 -24.63 25.56
N LYS C 79 -14.54 -23.92 24.99
CA LYS C 79 -13.25 -24.53 24.72
C LYS C 79 -12.31 -24.49 25.94
N ALA C 80 -12.67 -23.72 26.96
CA ALA C 80 -11.83 -23.59 28.14
C ALA C 80 -12.66 -23.29 29.36
N ASP C 81 -12.06 -23.51 30.53
CA ASP C 81 -12.82 -23.47 31.77
C ASP C 81 -12.50 -22.24 32.59
N ILE C 82 -11.38 -21.60 32.27
CA ILE C 82 -10.95 -20.42 33.00
C ILE C 82 -9.75 -19.84 32.29
N ALA C 83 -9.56 -18.53 32.43
CA ALA C 83 -8.45 -17.87 31.77
C ALA C 83 -7.70 -17.08 32.80
N ILE C 84 -6.45 -17.45 33.00
CA ILE C 84 -5.56 -16.75 33.91
C ILE C 84 -4.52 -16.04 33.07
N ALA C 85 -4.71 -14.74 32.91
CA ALA C 85 -3.94 -14.01 31.95
C ALA C 85 -4.11 -12.54 32.20
N PRO C 86 -3.23 -11.73 31.62
CA PRO C 86 -3.45 -10.30 31.75
C PRO C 86 -4.65 -9.84 30.95
N LEU C 87 -5.81 -10.40 31.26
CA LEU C 87 -7.07 -10.09 30.58
C LEU C 87 -7.75 -8.88 31.25
N THR C 88 -7.93 -7.78 30.52
CA THR C 88 -8.51 -6.58 31.11
C THR C 88 -10.03 -6.65 31.30
N ILE C 89 -10.45 -6.53 32.55
CA ILE C 89 -11.84 -6.35 32.93
C ILE C 89 -12.37 -5.11 32.20
N THR C 90 -13.28 -5.33 31.25
CA THR C 90 -13.94 -4.24 30.54
C THR C 90 -15.43 -4.55 30.46
N LEU C 91 -16.25 -3.54 30.19
CA LEU C 91 -17.69 -3.71 30.31
C LEU C 91 -18.32 -4.58 29.23
N VAL C 92 -17.80 -4.54 28.00
CA VAL C 92 -18.34 -5.46 26.99
C VAL C 92 -17.94 -6.90 27.31
N ARG C 93 -16.77 -7.07 27.89
CA ARG C 93 -16.37 -8.42 28.28
C ARG C 93 -17.22 -9.00 29.42
N GLU C 94 -17.35 -8.25 30.51
CA GLU C 94 -18.13 -8.67 31.68
C GLU C 94 -19.58 -9.05 31.34
N GLU C 95 -20.07 -8.63 30.17
CA GLU C 95 -21.38 -9.05 29.70
C GLU C 95 -21.42 -10.53 29.27
N VAL C 96 -20.38 -10.99 28.59
CA VAL C 96 -20.38 -12.35 28.05
C VAL C 96 -19.57 -13.33 28.90
N ILE C 97 -18.87 -12.83 29.92
CA ILE C 97 -18.10 -13.67 30.85
C ILE C 97 -18.10 -13.12 32.28
N ASP C 98 -17.53 -13.85 33.22
CA ASP C 98 -17.40 -13.38 34.60
C ASP C 98 -15.95 -13.06 35.00
N PHE C 99 -15.72 -11.88 35.54
CA PHE C 99 -14.38 -11.56 36.03
C PHE C 99 -14.33 -11.64 37.55
N SER C 100 -13.21 -12.16 38.07
CA SER C 100 -12.94 -12.02 39.49
C SER C 100 -12.53 -10.57 39.79
N LYS C 101 -12.36 -10.26 41.06
CA LYS C 101 -11.81 -8.97 41.42
C LYS C 101 -10.40 -8.86 40.84
N PRO C 102 -9.96 -7.64 40.53
CA PRO C 102 -8.65 -7.33 39.96
C PRO C 102 -7.54 -7.99 40.77
N PHE C 103 -6.70 -8.79 40.12
CA PHE C 103 -5.58 -9.37 40.84
C PHE C 103 -4.38 -8.42 40.73
N MET C 104 -4.41 -7.59 39.69
CA MET C 104 -3.35 -6.64 39.43
C MET C 104 -3.93 -5.39 38.77
N SER C 105 -3.34 -4.24 39.05
CA SER C 105 -3.80 -2.99 38.44
C SER C 105 -2.87 -2.46 37.34
N LEU C 106 -3.45 -1.77 36.36
CA LEU C 106 -2.66 -1.08 35.35
C LEU C 106 -3.41 0.10 34.77
N GLY C 107 -2.79 0.76 33.80
CA GLY C 107 -3.43 1.81 33.08
C GLY C 107 -2.76 1.84 31.72
N ILE C 108 -3.43 2.39 30.72
CA ILE C 108 -2.81 2.58 29.42
C ILE C 108 -1.67 3.60 29.48
N SER C 109 -0.61 3.36 28.73
CA SER C 109 0.58 4.19 28.83
C SER C 109 1.32 4.23 27.50
N ILE C 110 2.33 5.08 27.47
CA ILE C 110 3.09 5.28 26.24
C ILE C 110 4.53 4.82 26.34
N MET C 111 5.00 4.16 25.29
CA MET C 111 6.36 3.68 25.22
C MET C 111 7.07 4.32 24.06
N ILE C 112 8.23 4.92 24.33
CA ILE C 112 9.03 5.50 23.26
C ILE C 112 10.41 4.87 23.25
N LYS C 113 11.14 5.06 22.15
CA LYS C 113 12.56 4.78 22.12
C LYS C 113 13.20 6.00 22.72
N LYS C 114 14.08 5.81 23.70
CA LYS C 114 14.72 6.91 24.43
C LYS C 114 15.16 8.09 23.52
N GLY C 115 14.93 9.30 24.01
CA GLY C 115 15.25 10.50 23.26
C GLY C 115 14.19 11.00 22.29
N THR C 116 13.05 10.30 22.22
CA THR C 116 11.95 10.80 21.40
C THR C 116 11.30 11.98 22.12
N PRO C 117 11.10 13.10 21.41
CA PRO C 117 10.60 14.36 21.98
C PRO C 117 9.11 14.31 22.35
N ILE C 118 8.72 13.30 23.12
CA ILE C 118 7.33 13.14 23.55
C ILE C 118 7.23 12.97 25.05
N GLU C 119 6.31 13.70 25.68
CA GLU C 119 6.09 13.56 27.11
C GLU C 119 4.64 13.15 27.48
N SER C 120 3.74 13.14 26.50
CA SER C 120 2.32 12.96 26.82
C SER C 120 1.45 12.58 25.63
N ALA C 121 0.27 12.04 25.94
CA ALA C 121 -0.74 11.74 24.95
C ALA C 121 -1.21 13.00 24.23
N GLU C 122 -1.24 14.12 24.94
CA GLU C 122 -1.49 15.41 24.28
C GLU C 122 -0.40 15.66 23.23
N ASP C 123 0.86 15.76 23.67
CA ASP C 123 1.96 15.93 22.73
C ASP C 123 1.72 15.11 21.45
N LEU C 124 1.55 13.79 21.58
CA LEU C 124 1.28 12.92 20.44
C LEU C 124 0.16 13.43 19.51
N SER C 125 -1.00 13.75 20.09
CA SER C 125 -2.15 14.21 19.30
C SER C 125 -1.87 15.49 18.52
N LYS C 126 -0.84 16.23 18.94
CA LYS C 126 -0.54 17.54 18.37
C LYS C 126 0.50 17.52 17.26
N GLN C 127 0.86 16.35 16.76
CA GLN C 127 1.97 16.27 15.80
C GLN C 127 1.78 15.15 14.79
N THR C 128 2.68 15.06 13.81
CA THR C 128 2.50 14.10 12.71
C THR C 128 3.77 13.27 12.36
N GLU C 129 4.96 13.73 12.78
CA GLU C 129 6.19 13.02 12.42
C GLU C 129 6.24 11.63 13.06
N ILE C 130 5.76 11.55 14.30
CA ILE C 130 5.85 10.31 15.07
C ILE C 130 4.54 9.54 15.08
N ALA C 131 4.55 8.36 14.47
CA ALA C 131 3.37 7.52 14.37
C ALA C 131 3.15 6.83 15.70
N TYR C 132 1.93 6.37 15.93
CA TYR C 132 1.68 5.62 17.16
C TYR C 132 0.46 4.73 17.02
N GLY C 133 0.53 3.54 17.60
CA GLY C 133 -0.56 2.58 17.52
C GLY C 133 -0.66 1.73 18.76
N THR C 134 -1.37 0.62 18.67
CA THR C 134 -1.57 -0.22 19.83
C THR C 134 -1.80 -1.65 19.40
N LEU C 135 -1.80 -2.54 20.37
CA LEU C 135 -2.11 -3.93 20.12
C LEU C 135 -3.49 -4.02 19.48
N ASP C 136 -3.60 -4.82 18.42
CA ASP C 136 -4.90 -5.00 17.80
C ASP C 136 -5.70 -6.07 18.55
N SER C 137 -7.03 -5.98 18.48
CA SER C 137 -7.90 -6.98 19.10
C SER C 137 -7.98 -6.92 20.63
N GLY C 138 -7.67 -5.79 21.24
CA GLY C 138 -7.62 -5.72 22.69
C GLY C 138 -8.30 -4.54 23.33
N SER C 139 -8.21 -4.48 24.67
CA SER C 139 -8.69 -3.37 25.48
C SER C 139 -8.27 -2.01 24.92
N THR C 140 -6.96 -1.83 24.81
CA THR C 140 -6.38 -0.55 24.44
C THR C 140 -7.00 0.02 23.18
N LYS C 141 -7.20 -0.85 22.21
CA LYS C 141 -7.75 -0.40 20.94
C LYS C 141 -9.21 0.02 21.14
N GLU C 142 -9.97 -0.77 21.88
CA GLU C 142 -11.38 -0.44 22.11
C GLU C 142 -11.51 0.81 22.96
N PHE C 143 -10.58 1.02 23.90
CA PHE C 143 -10.61 2.22 24.70
C PHE C 143 -10.58 3.46 23.82
N PHE C 144 -9.73 3.45 22.80
CA PHE C 144 -9.60 4.59 21.89
C PHE C 144 -10.74 4.72 20.90
N ARG C 145 -11.38 3.61 20.56
CA ARG C 145 -12.44 3.64 19.57
C ARG C 145 -13.71 4.31 20.09
N ARG C 146 -13.93 4.20 21.40
CA ARG C 146 -15.18 4.62 22.00
C ARG C 146 -15.00 5.83 22.90
N SER C 147 -13.75 6.30 23.02
CA SER C 147 -13.46 7.40 23.91
C SER C 147 -14.12 8.68 23.43
N LYS C 148 -14.65 9.48 24.35
CA LYS C 148 -15.27 10.75 24.01
C LYS C 148 -14.35 11.91 24.37
N ILE C 149 -13.21 11.59 24.97
CA ILE C 149 -12.27 12.63 25.39
C ILE C 149 -11.58 13.22 24.16
N ALA C 150 -11.43 14.54 24.15
CA ALA C 150 -10.86 15.27 23.01
C ALA C 150 -9.61 14.62 22.43
N VAL C 151 -8.55 14.59 23.23
CA VAL C 151 -7.26 14.01 22.82
C VAL C 151 -7.37 12.55 22.40
N PHE C 152 -8.32 11.82 22.98
CA PHE C 152 -8.47 10.41 22.64
C PHE C 152 -9.28 10.12 21.36
N ASP C 153 -10.22 11.00 20.99
CA ASP C 153 -10.87 10.85 19.68
C ASP C 153 -9.95 11.40 18.60
N LYS C 154 -9.14 12.42 18.94
CA LYS C 154 -8.21 12.96 17.94
C LYS C 154 -7.19 11.88 17.65
N MET C 155 -6.73 11.23 18.71
CA MET C 155 -5.81 10.13 18.59
C MET C 155 -6.46 8.98 17.84
N TRP C 156 -7.75 8.76 18.08
CA TRP C 156 -8.40 7.65 17.41
C TRP C 156 -8.70 7.91 15.95
N THR C 157 -8.93 9.16 15.58
CA THR C 157 -9.21 9.45 14.18
C THR C 157 -7.95 9.29 13.33
N TYR C 158 -6.82 9.70 13.90
CA TYR C 158 -5.53 9.43 13.28
C TYR C 158 -5.34 7.93 13.10
N MET C 159 -5.17 7.22 14.21
CA MET C 159 -4.90 5.79 14.19
C MET C 159 -5.76 5.03 13.20
N ARG C 160 -7.08 5.17 13.30
CA ARG C 160 -7.99 4.35 12.49
C ARG C 160 -7.83 4.57 10.98
N SER C 161 -7.24 5.69 10.59
CA SER C 161 -7.16 6.08 9.17
C SER C 161 -5.74 6.00 8.63
N ALA C 162 -4.77 5.84 9.52
CA ALA C 162 -3.37 5.82 9.14
C ALA C 162 -2.99 4.54 8.41
N GLU C 163 -2.11 4.70 7.42
CA GLU C 163 -1.53 3.58 6.70
C GLU C 163 -0.08 3.97 6.46
N PRO C 164 0.86 3.05 6.68
CA PRO C 164 0.60 1.66 7.05
C PRO C 164 -0.07 1.58 8.39
N SER C 165 -0.71 0.45 8.65
CA SER C 165 -1.31 0.19 9.95
C SER C 165 -0.36 0.57 11.07
N VAL C 166 -0.91 1.12 12.14
CA VAL C 166 -0.13 1.39 13.32
C VAL C 166 -0.50 0.32 14.33
N PHE C 167 -1.24 -0.67 13.86
CA PHE C 167 -1.69 -1.73 14.74
C PHE C 167 -0.77 -2.93 14.62
N VAL C 168 -0.47 -3.56 15.76
CA VAL C 168 0.41 -4.70 15.78
C VAL C 168 -0.37 -5.96 16.16
N ARG C 169 0.25 -7.12 15.95
CA ARG C 169 -0.40 -8.38 16.23
C ARG C 169 -0.14 -8.79 17.69
N THR C 170 1.09 -8.56 18.14
CA THR C 170 1.49 -8.96 19.48
C THR C 170 2.33 -7.89 20.14
N THR C 171 2.33 -7.86 21.47
CA THR C 171 3.11 -6.90 22.24
C THR C 171 4.60 -6.89 21.87
N ALA C 172 5.14 -8.05 21.51
CA ALA C 172 6.53 -8.12 21.11
C ALA C 172 6.73 -7.35 19.83
N GLU C 173 5.80 -7.50 18.89
CA GLU C 173 5.90 -6.84 17.60
C GLU C 173 5.65 -5.33 17.73
N GLY C 174 4.88 -4.92 18.73
CA GLY C 174 4.80 -3.52 19.07
C GLY C 174 6.17 -3.01 19.52
N VAL C 175 6.69 -3.61 20.58
CA VAL C 175 7.99 -3.23 21.11
C VAL C 175 9.08 -3.30 20.05
N ALA C 176 9.03 -4.33 19.22
CA ALA C 176 10.06 -4.51 18.20
C ALA C 176 10.02 -3.30 17.31
N ARG C 177 8.80 -2.90 16.96
CA ARG C 177 8.59 -1.75 16.11
C ARG C 177 9.09 -0.44 16.71
N VAL C 178 8.88 -0.22 18.00
CA VAL C 178 9.42 1.00 18.61
C VAL C 178 10.92 1.09 18.36
N ARG C 179 11.65 0.02 18.72
CA ARG C 179 13.10 -0.05 18.60
C ARG C 179 13.67 0.19 17.20
N LYS C 180 13.05 -0.42 16.21
CA LYS C 180 13.54 -0.34 14.84
C LYS C 180 13.20 0.99 14.20
N SER C 181 12.28 1.74 14.81
CA SER C 181 11.71 2.92 14.14
C SER C 181 12.49 4.21 14.35
N LYS C 182 13.64 4.10 15.01
CA LYS C 182 14.56 5.23 15.20
C LYS C 182 13.86 6.43 15.80
N GLY C 183 12.80 6.20 16.55
CA GLY C 183 12.13 7.27 17.26
C GLY C 183 10.90 7.83 16.56
N LYS C 184 10.43 7.14 15.52
CA LYS C 184 9.26 7.59 14.79
C LYS C 184 8.06 6.68 14.98
N TYR C 185 8.07 5.88 16.05
CA TYR C 185 6.91 5.09 16.43
C TYR C 185 6.81 4.97 17.94
N ALA C 186 5.75 5.52 18.50
CA ALA C 186 5.43 5.25 19.90
C ALA C 186 4.41 4.12 19.90
N TYR C 187 4.37 3.39 21.01
CA TYR C 187 3.46 2.26 21.15
C TYR C 187 2.62 2.47 22.39
N LEU C 188 1.30 2.43 22.25
CA LEU C 188 0.44 2.56 23.42
C LEU C 188 0.21 1.17 24.00
N LEU C 189 0.18 1.05 25.30
CA LEU C 189 0.11 -0.29 25.89
C LEU C 189 0.00 -0.23 27.39
N GLU C 190 -0.23 -1.38 27.99
CA GLU C 190 -0.46 -1.43 29.41
C GLU C 190 0.82 -1.21 30.20
N SER C 191 0.68 -0.53 31.33
CA SER C 191 1.82 0.00 32.09
C SER C 191 2.67 -1.12 32.64
N THR C 192 2.00 -2.15 33.14
CA THR C 192 2.67 -3.34 33.66
C THR C 192 3.63 -3.89 32.63
N MET C 193 3.19 -3.90 31.37
CA MET C 193 4.03 -4.42 30.31
C MET C 193 5.14 -3.44 29.99
N ASN C 194 4.77 -2.19 29.77
CA ASN C 194 5.73 -1.10 29.57
C ASN C 194 6.84 -1.07 30.65
N GLU C 195 6.45 -1.14 31.92
CA GLU C 195 7.41 -1.14 33.01
C GLU C 195 8.35 -2.35 32.87
N TYR C 196 7.81 -3.46 32.39
CA TYR C 196 8.61 -4.66 32.28
C TYR C 196 9.67 -4.57 31.20
N ILE C 197 9.34 -3.94 30.08
CA ILE C 197 10.28 -3.80 28.96
C ILE C 197 11.38 -2.83 29.35
N GLU C 198 10.96 -1.71 29.93
CA GLU C 198 11.84 -0.72 30.52
C GLU C 198 13.04 -1.33 31.27
N GLN C 199 12.96 -2.60 31.63
CA GLN C 199 14.02 -3.24 32.42
C GLN C 199 14.64 -4.47 31.76
N ARG C 200 14.53 -4.59 30.44
CA ARG C 200 15.23 -5.65 29.72
C ARG C 200 16.22 -5.07 28.72
N LYS C 201 17.38 -5.72 28.56
CA LYS C 201 18.29 -5.36 27.48
C LYS C 201 17.46 -5.28 26.22
N PRO C 202 17.77 -4.32 25.34
CA PRO C 202 18.91 -3.41 25.43
C PRO C 202 18.55 -2.08 26.05
N CYS C 203 17.63 -2.05 27.00
CA CYS C 203 17.37 -0.84 27.80
C CYS C 203 17.35 0.43 26.95
N ASP C 204 16.54 0.42 25.89
CA ASP C 204 16.53 1.51 24.94
C ASP C 204 15.14 2.07 24.74
N THR C 205 14.18 1.51 25.46
CA THR C 205 12.81 1.94 25.38
C THR C 205 12.46 2.58 26.71
N MET C 206 11.37 3.34 26.77
CA MET C 206 11.10 4.08 27.99
C MET C 206 9.61 4.36 28.14
N LYS C 207 9.12 4.32 29.37
CA LYS C 207 7.75 4.73 29.65
C LYS C 207 7.71 6.22 29.93
N VAL C 208 6.71 6.91 29.41
CA VAL C 208 6.63 8.34 29.60
C VAL C 208 5.25 8.79 30.05
N GLY C 209 5.19 9.87 30.81
CA GLY C 209 3.93 10.45 31.23
C GLY C 209 3.14 9.60 32.21
N GLY C 210 1.86 9.90 32.34
CA GLY C 210 1.00 9.14 33.22
C GLY C 210 0.22 8.11 32.42
N ASN C 211 -0.42 7.17 33.12
CA ASN C 211 -1.35 6.28 32.45
C ASN C 211 -2.56 7.11 32.07
N LEU C 212 -3.14 6.81 30.92
CA LEU C 212 -4.25 7.59 30.40
C LEU C 212 -5.58 7.07 30.93
N ASP C 213 -5.52 6.21 31.94
CA ASP C 213 -6.74 5.64 32.51
C ASP C 213 -6.40 4.73 33.69
N SER C 214 -7.39 3.98 34.18
CA SER C 214 -7.18 3.05 35.30
C SER C 214 -7.99 1.79 35.14
N LYS C 215 -7.35 0.65 35.36
CA LYS C 215 -8.07 -0.61 35.31
C LYS C 215 -7.30 -1.77 35.90
N GLY C 216 -7.81 -2.95 35.68
CA GLY C 216 -7.27 -4.12 36.33
C GLY C 216 -7.39 -5.37 35.51
N TYR C 217 -6.53 -6.32 35.84
CA TYR C 217 -6.58 -7.62 35.24
C TYR C 217 -7.43 -8.50 36.13
N GLY C 218 -8.30 -9.27 35.48
CA GLY C 218 -9.16 -10.19 36.19
C GLY C 218 -8.99 -11.62 35.73
N ILE C 219 -9.18 -12.54 36.66
CA ILE C 219 -9.29 -13.93 36.27
C ILE C 219 -10.69 -14.13 35.74
N ALA C 220 -10.81 -14.69 34.54
CA ALA C 220 -12.11 -14.80 33.91
C ALA C 220 -12.62 -16.24 33.80
N THR C 221 -13.87 -16.47 34.18
CA THR C 221 -14.53 -17.77 33.96
C THR C 221 -15.80 -17.56 33.17
N PRO C 222 -16.43 -18.65 32.70
CA PRO C 222 -17.66 -18.56 31.91
C PRO C 222 -18.83 -18.05 32.73
N LYS C 223 -19.74 -17.36 32.08
CA LYS C 223 -20.90 -16.79 32.74
C LYS C 223 -21.66 -17.86 33.53
N GLY C 224 -21.92 -17.59 34.81
CA GLY C 224 -22.58 -18.55 35.68
C GLY C 224 -21.81 -19.82 35.98
N SER C 225 -20.52 -19.88 35.65
CA SER C 225 -19.67 -20.99 36.06
C SER C 225 -19.65 -21.13 37.58
N SER C 226 -19.31 -22.32 38.07
CA SER C 226 -19.26 -22.51 39.51
C SER C 226 -17.92 -22.04 40.08
N LEU C 227 -16.84 -22.30 39.35
CA LEU C 227 -15.51 -21.85 39.78
C LEU C 227 -15.51 -20.38 40.23
N GLY C 228 -16.22 -19.55 39.47
CA GLY C 228 -16.37 -18.13 39.78
C GLY C 228 -16.24 -17.76 41.25
N ASN C 229 -17.22 -18.17 42.05
CA ASN C 229 -17.18 -17.83 43.45
C ASN C 229 -15.85 -18.18 44.12
N ALA C 230 -15.42 -19.42 43.97
CA ALA C 230 -14.20 -19.88 44.64
C ALA C 230 -12.96 -19.13 44.18
N VAL C 231 -12.80 -19.05 42.86
CA VAL C 231 -11.73 -18.31 42.22
C VAL C 231 -11.71 -16.85 42.71
N ASN C 232 -12.87 -16.21 42.67
CA ASN C 232 -13.03 -14.86 43.17
C ASN C 232 -12.48 -14.73 44.57
N LEU C 233 -13.01 -15.53 45.49
CA LEU C 233 -12.47 -15.58 46.85
C LEU C 233 -10.96 -15.86 46.89
N ALA C 234 -10.53 -16.92 46.18
CA ALA C 234 -9.12 -17.24 46.11
C ALA C 234 -8.31 -15.99 45.81
N VAL C 235 -8.81 -15.16 44.91
CA VAL C 235 -8.08 -13.96 44.55
C VAL C 235 -7.98 -12.98 45.73
N LEU C 236 -9.11 -12.75 46.42
CA LEU C 236 -9.07 -11.91 47.61
C LEU C 236 -8.10 -12.46 48.65
N LYS C 237 -8.15 -13.78 48.88
CA LYS C 237 -7.21 -14.44 49.79
C LYS C 237 -5.75 -14.17 49.43
N LEU C 238 -5.36 -14.49 48.20
CA LEU C 238 -4.00 -14.23 47.74
C LEU C 238 -3.59 -12.79 47.95
N SER C 239 -4.40 -11.86 47.45
CA SER C 239 -4.13 -10.45 47.57
C SER C 239 -3.77 -10.03 49.00
N GLU C 240 -4.60 -10.41 49.97
CA GLU C 240 -4.38 -10.04 51.36
C GLU C 240 -3.19 -10.79 51.99
N GLN C 241 -2.84 -11.96 51.45
CA GLN C 241 -1.74 -12.75 52.00
C GLN C 241 -0.38 -12.20 51.59
N GLY C 242 -0.39 -11.13 50.81
CA GLY C 242 0.84 -10.51 50.35
C GLY C 242 1.43 -11.10 49.09
N LEU C 243 1.05 -12.34 48.78
CA LEU C 243 1.57 -13.06 47.63
C LEU C 243 1.51 -12.31 46.28
N LEU C 244 0.51 -11.45 46.07
CA LEU C 244 0.40 -10.80 44.77
C LEU C 244 1.46 -9.72 44.59
N ASP C 245 1.83 -9.06 45.68
CA ASP C 245 2.90 -8.06 45.65
C ASP C 245 4.25 -8.76 45.47
N LYS C 246 4.45 -9.82 46.27
CA LYS C 246 5.63 -10.65 46.20
C LYS C 246 5.88 -11.16 44.78
N LEU C 247 4.80 -11.51 44.11
CA LEU C 247 4.88 -12.12 42.79
C LEU C 247 5.25 -11.11 41.71
N LYS C 248 4.73 -9.90 41.82
CA LYS C 248 5.18 -8.81 40.97
C LYS C 248 6.67 -8.52 41.15
N ASN C 249 7.11 -8.49 42.41
CA ASN C 249 8.51 -8.25 42.65
C ASN C 249 9.36 -9.30 41.93
N LYS C 250 8.96 -10.56 42.04
CA LYS C 250 9.71 -11.64 41.41
C LYS C 250 9.88 -11.44 39.92
N TRP C 251 8.82 -11.05 39.23
CA TRP C 251 8.85 -11.12 37.77
C TRP C 251 9.09 -9.77 37.11
N TRP C 252 8.95 -8.70 37.88
CA TRP C 252 9.25 -7.37 37.40
C TRP C 252 10.62 -6.84 37.84
N TYR C 253 10.87 -6.91 39.14
CA TYR C 253 11.98 -6.16 39.73
C TYR C 253 13.22 -6.97 40.12
N ASP C 254 13.01 -8.14 40.73
CA ASP C 254 14.11 -9.05 41.00
C ASP C 254 14.85 -9.32 39.69
N LYS C 255 14.11 -9.24 38.59
CA LYS C 255 14.63 -9.65 37.28
C LYS C 255 15.39 -8.56 36.52
N GLY C 256 15.22 -7.31 36.92
CA GLY C 256 15.81 -6.16 36.24
C GLY C 256 17.19 -6.36 35.61
N GLU C 257 17.40 -5.71 34.47
CA GLU C 257 18.64 -5.85 33.72
C GLU C 257 19.28 -4.47 33.45
N CYS C 258 18.57 -3.40 33.77
CA CYS C 258 19.08 -2.05 33.52
C CYS C 258 19.54 -1.40 34.82
N GLU D . 9.49 -8.44 -14.04
CA GLU D . 9.22 -9.04 -15.34
C GLU D . 7.87 -9.76 -15.33
O GLU D . 7.54 -10.45 -16.27
CB GLU D . 10.32 -10.01 -15.73
CG GLU D . 11.74 -9.47 -15.57
CD GLU D . 12.17 -8.62 -16.75
OE1 GLU D . 12.82 -7.57 -16.55
OE2 GLU D . 11.84 -9.03 -17.89
OXT GLU D . 7.09 -9.65 -14.39
N01 HCZ E . 1.33 6.49 -12.68
S02 HCZ E . 1.10 4.80 -12.85
O03 HCZ E . 2.55 4.03 -12.69
O04 HCZ E . 0.47 4.47 -14.35
C05 HCZ E . -0.06 4.21 -11.56
C06 HCZ E . -1.41 4.03 -11.87
C07 HCZ E . -2.32 3.57 -10.87
C08 HCZ E . -1.85 3.30 -9.60
C09 HCZ E . -0.47 3.47 -9.29
C10 HCZ E . 0.41 3.93 -10.27
CL11 HCZ E . 2.13 4.21 -9.87
N12 HCZ E . -2.79 2.82 -8.57
C13 HCZ E . -4.13 3.49 -8.37
N14 HCZ E . -4.88 3.54 -9.73
S15 HCZ E . -3.98 3.35 -11.21
O16 HCZ E . -4.42 4.35 -12.18
O17 HCZ E . -4.20 2.00 -11.75
ZN ZN F . 19.14 -18.20 4.33
N GLU G . -8.18 14.37 -14.72
CA GLU G . -8.94 14.85 -13.58
C GLU G . -10.12 13.94 -13.38
O GLU G . -11.06 14.30 -12.71
CB GLU G . -9.44 16.28 -13.81
CG GLU G . -8.35 17.34 -13.78
CD GLU G . -7.77 17.55 -12.38
OE1 GLU G . -6.69 18.19 -12.25
OE2 GLU G . -8.42 17.08 -11.41
OXT GLU G . -10.15 12.84 -13.93
N01 HCZ H . 3.80 3.14 -15.77
S02 HCZ H . 2.13 3.50 -15.93
O03 HCZ H . 1.94 5.12 -16.24
O04 HCZ H . 1.35 3.10 -14.53
C05 HCZ H . 1.43 2.53 -17.32
C06 HCZ H . 0.72 1.34 -17.05
C07 HCZ H . 0.18 0.59 -18.13
C08 HCZ H . 0.34 1.01 -19.42
C09 HCZ H . 1.06 2.23 -19.69
C10 HCZ H . 1.59 2.98 -18.63
CL11 HCZ H . 2.54 4.45 -18.97
N12 HCZ H . -0.23 0.23 -20.54
C13 HCZ H . -0.05 -1.27 -20.58
N14 HCZ H . -0.54 -1.89 -19.25
S15 HCZ H . -0.68 -0.87 -17.83
O16 HCZ H . -0.11 -1.56 -16.68
O17 HCZ H . -2.09 -0.56 -17.59
ZN ZN I . -3.12 -0.31 -34.62
N GLU J . -4.39 -6.84 28.00
CA GLU J . -5.29 -6.34 26.96
C GLU J . -6.64 -7.04 27.02
O GLU J . -7.43 -6.93 26.09
CB GLU J . -4.67 -6.53 25.58
CG GLU J . -3.26 -5.93 25.44
CD GLU J . -3.27 -4.41 25.21
OE1 GLU J . -2.19 -3.79 25.41
OE2 GLU J . -4.34 -3.86 24.84
OXT GLU J . -6.95 -7.73 28.00
N01 HCZ K . -5.83 -0.89 43.46
S02 HCZ K . -6.60 -2.09 42.49
O03 HCZ K . -5.75 -2.32 41.09
O04 HCZ K . -8.14 -1.58 42.12
C05 HCZ K . -6.69 -3.66 43.43
C06 HCZ K . -7.94 -4.15 43.87
C07 HCZ K . -7.99 -5.37 44.60
C08 HCZ K . -6.84 -6.08 44.86
C09 HCZ K . -5.58 -5.58 44.41
C10 HCZ K . -5.52 -4.37 43.69
CL11 HCZ K . -3.93 -3.73 43.19
N12 HCZ K . -6.92 -7.34 45.61
C13 HCZ K . -7.76 -7.45 46.86
N14 HCZ K . -9.20 -6.98 46.56
S15 HCZ K . -9.50 -5.98 45.15
O16 HCZ K . -10.39 -4.88 45.50
O17 HCZ K . -10.11 -6.79 44.09
ZN ZN L . -5.75 -0.54 8.73
ZN ZN M . -4.04 -0.84 5.99
ZN ZN N . -2.08 -19.01 49.08
#